data_8THE
#
_entry.id   8THE
#
_cell.length_a   1.00
_cell.length_b   1.00
_cell.length_c   1.00
_cell.angle_alpha   90.00
_cell.angle_beta   90.00
_cell.angle_gamma   90.00
#
_symmetry.space_group_name_H-M   'P 1'
#
loop_
_entity.id
_entity.type
_entity.pdbx_description
1 polymer 'Heme/hemoglobin uptake outer membrane receptor PhuR'
2 polymer 'Synthetic Antibody Heavy Chain'
3 polymer 'Synthetic Antibody Light Chain'
4 non-polymer 'PROTOPORPHYRIN IX CONTAINING FE'
5 non-polymer '(2~{R},4~{R},5~{S},6~{S})-6-[(1~{R})-1,2-bis(oxidanyl)ethyl]-2-[[(2~{R},3~{S},4~{S},5~{R},6~{S})-5-[[(3~{R})-3-dodecanoyloxytetradecanoyl]amino]-6-[[(2~{R},3~{R},4~{R},5~{S},6~{S})-3-oxidanyl-5-[[(3~{R})-3-oxidanyltetradecanoyl]amino]-4-[(3~{R})-3-oxidanyltetradecanoyl]oxy-6-phosphonooxy-oxan-2-yl]methoxy]-3-phosphonooxy-4-[(3~{S})-3-tetradecanoyloxytetradecanoyl]oxy-oxan-2-yl]methoxy]-4,5-bis(oxidanyl)oxane-2-carboxylic acid'
6 water water
#
loop_
_entity_poly.entity_id
_entity_poly.type
_entity_poly.pdbx_seq_one_letter_code
_entity_poly.pdbx_strand_id
1 'polypeptide(L)'
;MKYLLPTAAAGLLLLAAQPAMAMGHHHHHHGENLYFQGGNAVPLTPTTITATRTEQAVDSVPSTVSVQTREQLDRQNVNN
IKELVRYEPGVSVGGAGQRAGITGYNIRGIDGNRILTQIDGVELPNDFFSGPYAQTHRNYVDPDIVKRVEILRGPASALY
GSNAIGGAVSYFTLDPSDIIKDGKDVGARLKAGYESASHSWLTSATVAGRADDFDGLLHYGYRQGHETESNGGHGGTGLS
RSEANPEDADSYSLLGKLGWNYAEGSRFGLVFEKYKSDVDTDQKSAYGGPYDKGKPAIPPSMLPGGMYQWRKGNDTLTRE
RYGLEHHFLLDSQVADRIQWSLNYQLAKTDQATREFYYPITRKVLRTRDTTYKERLWVFDSQLDKSFAIGETEHLLSYGI
NLKHQKVTGMRSGTGTNLDTGADSPRDALERSSDFPDPTVKTYALFAQDSISWNDWTFTPGLRYDYTRMEPHITDEFLRT
MKQSQNTAVDESDKKWHRVSPKFGVTYDFAQHYTWYGQYAQGFRTPTAKALYGRFENLQAGYHIEPNPNLKPEKSQSFET
GLRGKFDEGSFGVAVFYNKYRDFIDEDALNTDSTGGNGQTFQSNNIERAVIKGVELKGRLELGAFGAPQGLYTQGSVAYA
YGRNKDNGEPINSVNPLTGVFGLGYDEADGNYGGLLSWTLVKRKDRVDDSTFHTPDGTASQFKTPGFGVLDLSAYYRLSK
DLTLNAGLYNLTDKKYWLWDDVRGYDSVGEASALAPANIDRLSQPGRNFAVNLVWDI
;
A
2 'polypeptide(L)'
;EISEVQLVESGGGLVQPGGSLRLSCAASGFNFYYYSIHWVRQAPGKGLEWVASISPYYGSTYYADSVKGRFTISADTSKN
TAYLQMNSLRAEDTAVYYCARSMNWYYSSPYGMSQGMDYWGQGTLVTVSSASTKGPSVFPLAPSSKSTSGGTAALGCLVK
DYFPEPVTVSWNSGALTSGVHTFPAVLQSSGLYSLSSVVTVPSSSLGTQTYICNVNHKPSNTKVDKKVEPKSCDKTHT
;
H
3 'polypeptide(L)'
;SDIQMTQSPSSLSASVGDRVTITCRASQSVSSAVAWYQQKPGKAPKLLIYSASSLYSGVPSRFSGSRSGTDFTLTISSLQ
PEDFATYYCQQGSSSPLTFGQGTKVEIKRTVAAPSVFIFPPSDSQLKSGTASVVCLLNNFYPREAKVQWKVDNALQSGNS
QESVTEQDSKDSTYSLSSTLTLSKADYEKHKVYACEVTHQGLSSPVTKSFNRGEC
;
L
#
# COMPACT_ATOMS: atom_id res chain seq x y z
N SER A 60 -21.47 26.39 -15.71
CA SER A 60 -22.73 25.88 -16.24
C SER A 60 -22.96 24.43 -15.83
N VAL A 61 -21.87 23.72 -15.57
CA VAL A 61 -21.97 22.32 -15.15
C VAL A 61 -22.42 22.26 -13.70
N PRO A 62 -23.40 21.41 -13.35
CA PRO A 62 -23.90 21.32 -11.98
C PRO A 62 -23.02 20.44 -11.07
N SER A 63 -21.71 20.66 -11.14
CA SER A 63 -20.77 19.92 -10.31
C SER A 63 -19.47 20.71 -10.22
N THR A 64 -18.64 20.33 -9.26
CA THR A 64 -17.36 21.00 -9.03
C THR A 64 -16.28 20.26 -9.82
N VAL A 65 -15.79 20.92 -10.87
CA VAL A 65 -14.72 20.38 -11.71
C VAL A 65 -13.66 21.45 -11.92
N SER A 66 -12.40 21.07 -11.81
CA SER A 66 -11.28 21.98 -12.00
C SER A 66 -10.44 21.48 -13.17
N VAL A 67 -10.07 22.40 -14.07
CA VAL A 67 -9.34 22.07 -15.28
C VAL A 67 -8.06 22.88 -15.31
N GLN A 68 -6.94 22.21 -15.61
CA GLN A 68 -5.65 22.86 -15.82
C GLN A 68 -5.17 22.55 -17.21
N THR A 69 -4.96 23.59 -18.01
CA THR A 69 -4.54 23.42 -19.40
C THR A 69 -3.03 23.19 -19.48
N ARG A 70 -2.55 22.95 -20.69
CA ARG A 70 -1.12 22.74 -20.91
C ARG A 70 -0.32 23.99 -20.53
N GLU A 71 -0.81 25.17 -20.90
CA GLU A 71 -0.10 26.40 -20.58
C GLU A 71 -0.02 26.62 -19.07
N GLN A 72 -1.12 26.34 -18.36
CA GLN A 72 -1.13 26.53 -16.92
C GLN A 72 -0.15 25.58 -16.22
N LEU A 73 -0.01 24.36 -16.74
CA LEU A 73 0.98 23.44 -16.18
C LEU A 73 2.39 23.96 -16.39
N ASP A 74 2.66 24.55 -17.55
CA ASP A 74 3.98 25.14 -17.80
C ASP A 74 4.22 26.34 -16.89
N ARG A 75 3.18 27.16 -16.66
CA ARG A 75 3.33 28.32 -15.80
C ARG A 75 3.71 27.91 -14.38
N GLN A 76 3.10 26.85 -13.87
CA GLN A 76 3.27 26.45 -12.48
C GLN A 76 4.39 25.44 -12.29
N ASN A 77 5.15 25.13 -13.35
CA ASN A 77 6.28 24.21 -13.28
C ASN A 77 5.84 22.85 -12.72
N VAL A 78 4.74 22.33 -13.24
CA VAL A 78 4.19 21.06 -12.79
C VAL A 78 5.01 19.94 -13.40
N ASN A 79 5.74 19.20 -12.55
CA ASN A 79 6.53 18.06 -12.99
C ASN A 79 6.01 16.73 -12.48
N ASN A 80 5.16 16.75 -11.45
CA ASN A 80 4.52 15.55 -10.93
C ASN A 80 3.16 15.94 -10.38
N ILE A 81 2.33 14.94 -10.10
CA ILE A 81 0.96 15.22 -9.67
C ILE A 81 0.92 15.85 -8.29
N LYS A 82 2.00 15.76 -7.51
CA LYS A 82 2.06 16.50 -6.25
C LYS A 82 2.03 18.00 -6.50
N GLU A 83 2.78 18.47 -7.49
CA GLU A 83 2.80 19.89 -7.84
C GLU A 83 1.56 20.31 -8.60
N LEU A 84 0.81 19.37 -9.16
CA LEU A 84 -0.41 19.70 -9.88
C LEU A 84 -1.51 20.17 -8.94
N VAL A 85 -1.52 19.67 -7.71
CA VAL A 85 -2.58 19.93 -6.69
C VAL A 85 -2.11 20.95 -5.67
N ARG A 86 -0.95 21.58 -5.84
CA ARG A 86 -0.35 22.59 -4.94
C ARG A 86 -1.36 23.63 -4.47
N TYR A 87 -2.18 24.19 -5.35
CA TYR A 87 -3.09 25.29 -5.07
C TYR A 87 -4.54 24.88 -5.21
N GLU A 88 -4.83 23.60 -5.29
CA GLU A 88 -6.19 23.03 -5.30
C GLU A 88 -6.36 22.66 -3.85
N PRO A 89 -7.13 23.42 -3.05
CA PRO A 89 -7.19 23.21 -1.61
C PRO A 89 -7.86 21.90 -1.15
N GLY A 90 -8.77 21.33 -1.92
CA GLY A 90 -9.50 20.10 -1.56
C GLY A 90 -8.96 18.84 -2.20
N VAL A 91 -7.84 18.91 -2.89
CA VAL A 91 -7.20 17.71 -3.48
C VAL A 91 -5.78 17.62 -2.92
N SER A 92 -5.39 16.48 -2.42
CA SER A 92 -4.04 16.25 -1.90
C SER A 92 -3.42 15.01 -2.55
N VAL A 93 -2.12 14.99 -2.61
CA VAL A 93 -1.38 13.82 -3.07
C VAL A 93 -0.35 13.47 -2.00
N GLY A 94 -0.35 12.21 -1.57
CA GLY A 94 0.56 11.75 -0.54
C GLY A 94 1.76 10.99 -1.12
N GLY A 95 2.51 10.39 -0.21
CA GLY A 95 3.66 9.59 -0.57
C GLY A 95 5.01 10.17 -0.26
N ALA A 96 5.08 11.30 0.45
CA ALA A 96 6.37 11.89 0.79
C ALA A 96 7.09 11.00 1.80
N GLY A 97 8.34 10.68 1.51
CA GLY A 97 9.15 9.86 2.38
C GLY A 97 8.95 8.37 2.25
N GLN A 98 8.04 7.93 1.39
CA GLN A 98 7.76 6.51 1.22
C GLN A 98 8.62 5.93 0.11
N ARG A 99 9.00 4.66 0.28
CA ARG A 99 9.84 3.98 -0.69
C ARG A 99 9.13 3.87 -2.04
N ALA A 100 7.84 3.57 -2.03
CA ALA A 100 7.08 3.40 -3.27
C ALA A 100 6.82 4.72 -3.98
N GLY A 101 7.02 5.85 -3.32
CA GLY A 101 6.88 7.15 -3.96
C GLY A 101 5.51 7.78 -3.84
N ILE A 102 5.13 8.55 -4.86
CA ILE A 102 3.86 9.26 -4.86
C ILE A 102 2.70 8.26 -4.91
N THR A 103 1.74 8.42 -4.00
CA THR A 103 0.64 7.46 -3.89
C THR A 103 -0.45 7.73 -4.92
N GLY A 104 -1.10 8.88 -4.82
CA GLY A 104 -2.21 9.18 -5.70
C GLY A 104 -3.02 10.36 -5.17
N TYR A 105 -4.21 10.53 -5.73
CA TYR A 105 -5.05 11.67 -5.43
C TYR A 105 -5.96 11.38 -4.24
N ASN A 106 -6.19 12.41 -3.42
CA ASN A 106 -7.14 12.39 -2.32
C ASN A 106 -8.12 13.53 -2.54
N ILE A 107 -9.37 13.20 -2.85
CA ILE A 107 -10.39 14.19 -3.19
C ILE A 107 -11.45 14.16 -2.09
N ARG A 108 -11.54 15.24 -1.33
CA ARG A 108 -12.57 15.40 -0.28
C ARG A 108 -12.55 14.23 0.70
N GLY A 109 -11.35 13.82 1.11
CA GLY A 109 -11.20 12.75 2.08
C GLY A 109 -11.22 11.35 1.50
N ILE A 110 -11.40 11.21 0.19
CA ILE A 110 -11.41 9.90 -0.47
C ILE A 110 -10.15 9.78 -1.30
N ASP A 111 -9.42 8.69 -1.12
CA ASP A 111 -8.18 8.45 -1.84
C ASP A 111 -8.10 6.97 -2.21
N GLY A 112 -6.92 6.54 -2.61
CA GLY A 112 -6.69 5.14 -2.95
C GLY A 112 -7.33 4.70 -4.25
N ASN A 113 -7.93 3.52 -4.24
CA ASN A 113 -8.56 2.96 -5.44
C ASN A 113 -9.97 3.48 -5.66
N ARG A 114 -10.49 4.32 -4.76
CA ARG A 114 -11.82 4.89 -4.92
C ARG A 114 -11.83 6.14 -5.78
N ILE A 115 -10.67 6.58 -6.27
CA ILE A 115 -10.58 7.71 -7.20
C ILE A 115 -10.35 7.14 -8.60
N LEU A 116 -11.21 7.50 -9.53
CA LEU A 116 -11.12 7.02 -10.91
C LEU A 116 -10.08 7.87 -11.64
N THR A 117 -8.88 7.32 -11.82
CA THR A 117 -7.81 7.99 -12.55
C THR A 117 -7.69 7.35 -13.92
N GLN A 118 -7.87 8.16 -14.96
CA GLN A 118 -7.86 7.66 -16.33
C GLN A 118 -7.16 8.66 -17.22
N ILE A 119 -6.59 8.15 -18.32
CA ILE A 119 -6.00 8.98 -19.36
C ILE A 119 -6.61 8.58 -20.69
N ASP A 120 -7.27 9.52 -21.35
CA ASP A 120 -8.00 9.26 -22.60
C ASP A 120 -9.04 8.17 -22.44
N GLY A 121 -9.62 8.06 -21.25
CA GLY A 121 -10.64 7.07 -20.98
C GLY A 121 -10.14 5.73 -20.51
N VAL A 122 -8.82 5.54 -20.40
CA VAL A 122 -8.23 4.27 -20.00
C VAL A 122 -7.83 4.37 -18.54
N GLU A 123 -8.42 3.52 -17.70
CA GLU A 123 -8.20 3.59 -16.27
C GLU A 123 -6.79 3.15 -15.89
N LEU A 124 -6.22 3.82 -14.88
CA LEU A 124 -4.92 3.49 -14.35
C LEU A 124 -5.00 2.35 -13.34
N PRO A 125 -3.90 1.65 -13.09
CA PRO A 125 -3.92 0.54 -12.14
C PRO A 125 -4.19 1.00 -10.72
N ASN A 126 -4.72 0.07 -9.93
CA ASN A 126 -5.02 0.31 -8.52
C ASN A 126 -3.76 0.16 -7.67
N ASP A 127 -3.92 0.49 -6.39
CA ASP A 127 -2.85 0.25 -5.42
C ASP A 127 -2.72 -1.24 -5.14
N PHE A 128 -1.59 -1.60 -4.54
CA PHE A 128 -1.33 -3.00 -4.19
C PHE A 128 -0.33 -3.04 -3.04
N PHE A 129 -0.77 -3.57 -1.91
CA PHE A 129 0.09 -3.77 -0.74
C PHE A 129 0.09 -5.24 -0.39
N SER A 130 1.28 -5.84 -0.35
CA SER A 130 1.43 -7.24 0.04
C SER A 130 2.66 -7.42 0.91
N GLY A 131 2.88 -6.53 1.86
CA GLY A 131 3.97 -6.64 2.78
C GLY A 131 5.04 -5.57 2.59
N PRO A 132 6.11 -5.65 3.39
CA PRO A 132 7.16 -4.63 3.31
C PRO A 132 7.90 -4.59 1.98
N TYR A 133 7.88 -5.66 1.20
CA TYR A 133 8.60 -5.72 -0.06
C TYR A 133 7.67 -5.76 -1.26
N ALA A 134 6.40 -5.40 -1.07
CA ALA A 134 5.43 -5.42 -2.16
C ALA A 134 4.43 -4.29 -1.93
N GLN A 135 4.69 -3.13 -2.52
CA GLN A 135 3.80 -1.98 -2.37
C GLN A 135 3.91 -1.13 -3.62
N THR A 136 2.83 -1.06 -4.40
CA THR A 136 2.77 -0.27 -5.61
C THR A 136 1.69 0.80 -5.47
N HIS A 137 1.96 1.98 -6.04
CA HIS A 137 1.08 3.13 -5.98
C HIS A 137 0.47 3.41 -7.35
N ARG A 138 -0.21 4.54 -7.46
CA ARG A 138 -0.83 4.97 -8.71
C ARG A 138 -0.14 6.25 -9.18
N ASN A 139 0.96 6.09 -9.91
CA ASN A 139 1.74 7.21 -10.44
C ASN A 139 2.23 6.90 -11.84
N TYR A 140 1.31 6.49 -12.71
CA TYR A 140 1.65 5.98 -14.03
C TYR A 140 1.59 7.03 -15.14
N VAL A 141 1.26 8.27 -14.83
CA VAL A 141 1.05 9.31 -15.84
C VAL A 141 2.08 10.41 -15.66
N ASP A 142 2.76 10.75 -16.75
CA ASP A 142 3.66 11.89 -16.78
C ASP A 142 2.87 13.14 -17.17
N PRO A 143 2.84 14.18 -16.34
CA PRO A 143 2.03 15.37 -16.66
C PRO A 143 2.51 16.13 -17.90
N ASP A 144 3.63 15.74 -18.50
CA ASP A 144 4.21 16.48 -19.61
C ASP A 144 3.60 16.10 -20.96
N ILE A 145 2.69 15.13 -21.01
CA ILE A 145 2.11 14.65 -22.26
C ILE A 145 0.64 14.98 -22.39
N VAL A 146 0.06 15.72 -21.45
CA VAL A 146 -1.38 15.99 -21.43
C VAL A 146 -1.65 17.39 -21.93
N LYS A 147 -2.74 17.55 -22.69
CA LYS A 147 -3.18 18.88 -23.07
C LYS A 147 -3.98 19.55 -21.97
N ARG A 148 -4.67 18.77 -21.14
CA ARG A 148 -5.39 19.30 -20.00
C ARG A 148 -5.65 18.16 -19.02
N VAL A 149 -5.95 18.53 -17.78
CA VAL A 149 -6.33 17.59 -16.75
C VAL A 149 -7.58 18.11 -16.06
N GLU A 150 -8.58 17.25 -15.91
CA GLU A 150 -9.84 17.60 -15.27
C GLU A 150 -10.00 16.81 -13.98
N ILE A 151 -10.25 17.52 -12.89
CA ILE A 151 -10.50 16.90 -11.58
C ILE A 151 -11.98 17.06 -11.28
N LEU A 152 -12.70 15.95 -11.27
CA LEU A 152 -14.12 15.93 -10.97
C LEU A 152 -14.35 15.36 -9.58
N ARG A 153 -15.25 15.96 -8.83
CA ARG A 153 -15.52 15.57 -7.45
C ARG A 153 -16.84 14.83 -7.37
N GLY A 154 -16.78 13.58 -6.92
CA GLY A 154 -17.94 12.73 -6.85
C GLY A 154 -18.20 12.05 -8.19
N PRO A 155 -19.05 11.02 -8.18
CA PRO A 155 -19.46 10.35 -9.42
C PRO A 155 -20.55 11.12 -10.17
N ALA A 156 -20.28 12.40 -10.44
CA ALA A 156 -21.31 13.30 -10.95
C ALA A 156 -21.78 12.88 -12.34
N SER A 157 -20.85 12.48 -13.21
CA SER A 157 -21.17 12.25 -14.61
C SER A 157 -21.48 10.78 -14.86
N ALA A 158 -22.51 10.53 -15.67
CA ALA A 158 -22.81 9.18 -16.12
C ALA A 158 -21.91 8.72 -17.26
N LEU A 159 -21.16 9.63 -17.88
CA LEU A 159 -20.22 9.25 -18.92
C LEU A 159 -18.99 8.57 -18.35
N TYR A 160 -18.68 8.80 -17.08
CA TYR A 160 -17.56 8.15 -16.41
C TYR A 160 -18.05 6.94 -15.62
N GLY A 161 -17.11 6.05 -15.29
CA GLY A 161 -17.45 4.84 -14.59
C GLY A 161 -17.97 5.12 -13.19
N SER A 162 -18.84 4.22 -12.72
CA SER A 162 -19.47 4.39 -11.42
C SER A 162 -18.50 4.15 -10.27
N ASN A 163 -17.31 3.62 -10.53
CA ASN A 163 -16.32 3.39 -9.49
C ASN A 163 -15.60 4.67 -9.05
N ALA A 164 -16.01 5.82 -9.57
CA ALA A 164 -15.48 7.11 -9.13
C ALA A 164 -16.19 7.53 -7.84
N ILE A 165 -15.89 6.80 -6.77
CA ILE A 165 -16.57 7.02 -5.50
C ILE A 165 -16.29 8.41 -4.97
N GLY A 166 -15.01 8.79 -4.91
CA GLY A 166 -14.64 10.11 -4.44
C GLY A 166 -14.49 11.15 -5.54
N GLY A 167 -14.41 10.72 -6.78
CA GLY A 167 -14.25 11.63 -7.90
C GLY A 167 -13.43 10.97 -8.98
N ALA A 168 -13.13 11.77 -10.01
CA ALA A 168 -12.37 11.30 -11.15
C ALA A 168 -11.32 12.32 -11.53
N VAL A 169 -10.13 11.83 -11.91
CA VAL A 169 -9.08 12.65 -12.47
C VAL A 169 -8.84 12.15 -13.89
N SER A 170 -9.05 13.03 -14.87
CA SER A 170 -9.01 12.66 -16.28
C SER A 170 -7.87 13.39 -16.97
N TYR A 171 -7.03 12.63 -17.67
CA TYR A 171 -5.93 13.17 -18.46
C TYR A 171 -6.27 13.04 -19.94
N PHE A 172 -5.98 14.10 -20.69
CA PHE A 172 -6.19 14.11 -22.14
C PHE A 172 -4.87 14.46 -22.80
N THR A 173 -4.40 13.57 -23.67
CA THR A 173 -3.08 13.72 -24.27
C THR A 173 -3.07 14.84 -25.32
N LEU A 174 -1.87 15.27 -25.66
CA LEU A 174 -1.70 16.33 -26.65
C LEU A 174 -2.17 15.89 -28.02
N ASP A 175 -2.81 16.80 -28.73
CA ASP A 175 -3.29 16.59 -30.09
C ASP A 175 -2.50 17.45 -31.06
N PRO A 176 -2.44 17.06 -32.33
CA PRO A 176 -1.71 17.88 -33.32
C PRO A 176 -2.27 19.29 -33.45
N SER A 177 -3.55 19.50 -33.14
CA SER A 177 -4.14 20.83 -33.28
C SER A 177 -3.51 21.84 -32.34
N ASP A 178 -3.22 21.42 -31.10
CA ASP A 178 -2.68 22.35 -30.11
C ASP A 178 -1.18 22.57 -30.25
N ILE A 179 -0.52 21.85 -31.14
CA ILE A 179 0.91 22.03 -31.40
C ILE A 179 1.15 22.85 -32.66
N ILE A 180 0.35 22.61 -33.70
CA ILE A 180 0.50 23.31 -34.97
C ILE A 180 -0.05 24.72 -34.82
N LYS A 181 0.74 25.71 -35.23
CA LYS A 181 0.31 27.10 -35.18
C LYS A 181 -0.76 27.37 -36.24
N ASP A 182 -1.56 28.40 -35.99
CA ASP A 182 -2.60 28.79 -36.94
C ASP A 182 -1.98 29.35 -38.20
N GLY A 183 -2.48 28.92 -39.35
CA GLY A 183 -1.93 29.32 -40.62
C GLY A 183 -0.73 28.52 -41.10
N LYS A 184 -0.26 27.57 -40.31
CA LYS A 184 0.87 26.73 -40.66
C LYS A 184 0.42 25.27 -40.70
N ASP A 185 1.23 24.44 -41.37
CA ASP A 185 0.96 23.01 -41.45
C ASP A 185 1.87 22.18 -40.56
N VAL A 186 2.91 22.78 -39.98
CA VAL A 186 3.85 22.06 -39.13
C VAL A 186 4.07 22.87 -37.85
N GLY A 187 4.30 22.16 -36.76
CA GLY A 187 4.54 22.81 -35.49
C GLY A 187 5.57 22.04 -34.68
N ALA A 188 6.18 22.75 -33.73
CA ALA A 188 7.18 22.16 -32.85
C ALA A 188 7.08 22.80 -31.48
N ARG A 189 7.53 22.07 -30.47
CA ARG A 189 7.51 22.54 -29.09
C ARG A 189 8.68 21.90 -28.34
N LEU A 190 9.67 22.71 -27.99
CA LEU A 190 10.83 22.26 -27.22
C LEU A 190 10.75 22.84 -25.82
N LYS A 191 10.92 21.99 -24.81
CA LYS A 191 10.84 22.42 -23.42
C LYS A 191 12.05 21.90 -22.65
N ALA A 192 12.67 22.79 -21.89
CA ALA A 192 13.75 22.44 -20.96
C ALA A 192 13.42 23.03 -19.60
N GLY A 193 13.51 22.22 -18.57
CA GLY A 193 13.14 22.66 -17.23
C GLY A 193 14.05 22.07 -16.18
N TYR A 194 14.14 22.79 -15.06
CA TYR A 194 14.92 22.34 -13.91
C TYR A 194 14.11 22.56 -12.64
N GLU A 195 14.22 21.62 -11.71
CA GLU A 195 13.55 21.70 -10.42
C GLU A 195 14.59 21.56 -9.32
N SER A 196 14.70 22.58 -8.46
CA SER A 196 15.72 22.58 -7.42
C SER A 196 15.36 21.63 -6.29
N ALA A 197 14.07 21.34 -6.09
CA ALA A 197 13.66 20.50 -4.97
C ALA A 197 14.21 19.09 -5.11
N SER A 198 14.19 18.54 -6.32
CA SER A 198 14.69 17.19 -6.55
C SER A 198 15.91 17.16 -7.47
N HIS A 199 16.46 18.32 -7.82
CA HIS A 199 17.61 18.43 -8.72
C HIS A 199 17.35 17.67 -10.02
N SER A 200 16.18 17.89 -10.60
CA SER A 200 15.72 17.15 -11.76
C SER A 200 15.75 18.03 -13.00
N TRP A 201 16.17 17.43 -14.11
CA TRP A 201 16.20 18.10 -15.41
C TRP A 201 15.16 17.46 -16.33
N LEU A 202 14.49 18.30 -17.12
CA LEU A 202 13.47 17.84 -18.06
C LEU A 202 13.82 18.34 -19.46
N THR A 203 13.74 17.45 -20.43
CA THR A 203 13.90 17.79 -21.85
C THR A 203 12.82 17.08 -22.63
N SER A 204 11.95 17.84 -23.31
CA SER A 204 10.88 17.28 -24.11
C SER A 204 10.84 17.96 -25.47
N ALA A 205 10.45 17.19 -26.48
CA ALA A 205 10.33 17.70 -27.84
C ALA A 205 9.07 17.13 -28.47
N THR A 206 8.27 17.99 -29.10
CA THR A 206 7.04 17.58 -29.76
C THR A 206 7.00 18.19 -31.15
N VAL A 207 6.69 17.36 -32.14
CA VAL A 207 6.54 17.81 -33.53
C VAL A 207 5.18 17.32 -34.04
N ALA A 208 4.44 18.22 -34.68
CA ALA A 208 3.16 17.89 -35.27
C ALA A 208 3.10 18.45 -36.69
N GLY A 209 2.41 17.73 -37.56
CA GLY A 209 2.29 18.14 -38.94
C GLY A 209 0.91 17.82 -39.49
N ARG A 210 0.58 18.47 -40.60
CA ARG A 210 -0.72 18.32 -41.25
C ARG A 210 -0.51 18.36 -42.76
N ALA A 211 -0.49 17.19 -43.39
CA ALA A 211 -0.31 17.08 -44.83
C ALA A 211 -1.54 16.41 -45.43
N ASP A 212 -2.17 17.08 -46.39
CA ASP A 212 -3.37 16.59 -47.08
C ASP A 212 -4.47 16.39 -46.05
N ASP A 213 -5.02 15.19 -45.90
CA ASP A 213 -6.05 14.91 -44.90
C ASP A 213 -5.50 14.08 -43.74
N PHE A 214 -4.19 14.11 -43.52
CA PHE A 214 -3.55 13.35 -42.47
C PHE A 214 -2.88 14.29 -41.48
N ASP A 215 -3.01 13.99 -40.19
CA ASP A 215 -2.35 14.73 -39.12
C ASP A 215 -1.54 13.76 -38.28
N GLY A 216 -0.36 14.22 -37.84
CA GLY A 216 0.51 13.37 -37.04
C GLY A 216 1.13 14.16 -35.90
N LEU A 217 1.52 13.44 -34.87
CA LEU A 217 2.18 14.02 -33.71
C LEU A 217 3.15 13.01 -33.13
N LEU A 218 4.33 13.51 -32.76
CA LEU A 218 5.35 12.67 -32.12
C LEU A 218 5.95 13.45 -30.97
N HIS A 219 5.85 12.90 -29.76
CA HIS A 219 6.36 13.54 -28.56
C HIS A 219 7.37 12.63 -27.86
N TYR A 220 8.49 13.21 -27.45
CA TYR A 220 9.49 12.50 -26.65
C TYR A 220 9.91 13.40 -25.51
N GLY A 221 9.92 12.85 -24.30
CA GLY A 221 10.40 13.58 -23.13
C GLY A 221 11.27 12.69 -22.28
N TYR A 222 12.25 13.31 -21.64
CA TYR A 222 13.17 12.58 -20.77
C TYR A 222 13.39 13.37 -19.48
N ARG A 223 13.30 12.68 -18.34
CA ARG A 223 13.53 13.27 -17.05
C ARG A 223 14.70 12.57 -16.36
N GLN A 224 15.48 13.34 -15.61
CA GLN A 224 16.61 12.78 -14.87
C GLN A 224 16.84 13.64 -13.64
N GLY A 225 16.70 13.05 -12.47
CA GLY A 225 16.85 13.79 -11.23
C GLY A 225 17.15 12.89 -10.06
N HIS A 226 16.77 13.35 -8.87
CA HIS A 226 17.07 12.67 -7.62
C HIS A 226 15.83 12.74 -6.73
N GLU A 227 16.01 12.40 -5.46
CA GLU A 227 14.89 12.39 -4.52
C GLU A 227 14.43 13.82 -4.21
N THR A 228 13.16 13.94 -3.86
CA THR A 228 12.62 15.20 -3.39
C THR A 228 13.07 15.43 -1.96
N GLU A 229 13.82 16.52 -1.75
CA GLU A 229 14.40 16.77 -0.44
C GLU A 229 13.34 17.17 0.57
N SER A 230 13.59 16.81 1.82
CA SER A 230 12.79 17.28 2.94
C SER A 230 13.50 18.45 3.62
N ASN A 231 12.83 19.04 4.61
CA ASN A 231 13.40 20.14 5.37
C ASN A 231 14.08 19.68 6.65
N GLY A 232 14.56 18.44 6.68
CA GLY A 232 15.36 17.95 7.79
C GLY A 232 16.84 18.11 7.49
N GLY A 233 17.59 18.57 8.50
CA GLY A 233 18.98 18.93 8.30
C GLY A 233 20.01 17.93 8.80
N HIS A 234 19.59 16.69 9.05
CA HIS A 234 20.50 15.67 9.56
C HIS A 234 20.46 14.45 8.64
N GLY A 235 21.65 13.96 8.28
CA GLY A 235 21.75 12.77 7.45
C GLY A 235 21.97 11.51 8.25
N GLY A 236 22.98 10.72 7.88
CA GLY A 236 23.24 9.48 8.57
C GLY A 236 22.23 8.41 8.20
N THR A 237 22.07 7.45 9.11
CA THR A 237 21.18 6.31 8.92
C THR A 237 20.26 6.18 10.12
N GLY A 238 19.28 5.29 9.97
CA GLY A 238 18.37 5.01 11.06
C GLY A 238 17.32 6.09 11.28
N LEU A 239 16.71 6.03 12.46
CA LEU A 239 15.65 6.96 12.82
C LEU A 239 16.15 8.37 13.08
N SER A 240 17.46 8.57 13.20
CA SER A 240 18.03 9.89 13.38
C SER A 240 18.22 10.65 12.06
N ARG A 241 17.94 10.01 10.93
CA ARG A 241 18.08 10.65 9.63
C ARG A 241 16.82 11.44 9.31
N SER A 242 16.96 12.76 9.22
CA SER A 242 15.86 13.64 8.84
C SER A 242 15.90 14.03 7.37
N GLU A 243 16.98 13.72 6.66
CA GLU A 243 17.06 14.00 5.24
C GLU A 243 16.38 12.91 4.43
N ALA A 244 15.99 13.27 3.21
CA ALA A 244 15.36 12.30 2.33
C ALA A 244 16.35 11.23 1.91
N ASN A 245 15.85 10.00 1.76
CA ASN A 245 16.70 8.90 1.34
C ASN A 245 17.21 9.14 -0.08
N PRO A 246 18.48 8.88 -0.35
CA PRO A 246 19.02 9.14 -1.70
C PRO A 246 18.30 8.33 -2.77
N GLU A 247 18.08 8.96 -3.92
CA GLU A 247 17.43 8.31 -5.04
C GLU A 247 18.08 8.75 -6.34
N ASP A 248 18.00 7.88 -7.34
CA ASP A 248 18.41 8.19 -8.72
C ASP A 248 17.23 7.87 -9.63
N ALA A 249 16.59 8.90 -10.16
CA ALA A 249 15.36 8.73 -10.93
C ALA A 249 15.60 9.10 -12.38
N ASP A 250 15.30 8.17 -13.28
CA ASP A 250 15.32 8.40 -14.72
C ASP A 250 13.95 8.03 -15.28
N SER A 251 13.44 8.87 -16.19
CA SER A 251 12.14 8.64 -16.77
C SER A 251 12.12 9.15 -18.20
N TYR A 252 11.39 8.44 -19.07
CA TYR A 252 11.14 8.92 -20.41
C TYR A 252 9.70 8.58 -20.80
N SER A 253 9.14 9.38 -21.69
CA SER A 253 7.77 9.19 -22.15
C SER A 253 7.72 9.43 -23.66
N LEU A 254 7.08 8.51 -24.38
CA LEU A 254 6.96 8.58 -25.83
C LEU A 254 5.48 8.59 -26.19
N LEU A 255 5.08 9.57 -27.01
CA LEU A 255 3.70 9.70 -27.44
C LEU A 255 3.65 9.87 -28.95
N GLY A 256 2.82 9.07 -29.61
CA GLY A 256 2.65 9.17 -31.05
C GLY A 256 1.21 9.10 -31.47
N LYS A 257 0.79 9.99 -32.37
CA LYS A 257 -0.56 10.01 -32.89
C LYS A 257 -0.53 10.17 -34.40
N LEU A 258 -1.46 9.49 -35.07
CA LEU A 258 -1.58 9.55 -36.53
C LEU A 258 -3.04 9.46 -36.89
N GLY A 259 -3.59 10.52 -37.46
CA GLY A 259 -5.01 10.60 -37.72
C GLY A 259 -5.30 10.92 -39.17
N TRP A 260 -6.46 10.44 -39.64
CA TRP A 260 -6.93 10.65 -41.00
C TRP A 260 -8.25 11.41 -40.94
N ASN A 261 -8.28 12.60 -41.54
CA ASN A 261 -9.49 13.42 -41.60
C ASN A 261 -10.15 13.18 -42.95
N TYR A 262 -10.85 12.05 -43.05
CA TYR A 262 -11.44 11.62 -44.30
C TYR A 262 -12.71 12.37 -44.66
N ALA A 263 -13.28 13.14 -43.73
CA ALA A 263 -14.50 13.90 -44.00
C ALA A 263 -14.57 15.04 -42.99
N GLU A 264 -15.57 15.90 -43.19
CA GLU A 264 -15.77 17.03 -42.30
C GLU A 264 -16.41 16.55 -41.00
N GLY A 265 -15.76 16.81 -39.88
CA GLY A 265 -16.20 16.30 -38.60
C GLY A 265 -15.92 14.83 -38.38
N SER A 266 -15.10 14.21 -39.25
CA SER A 266 -14.80 12.79 -39.17
C SER A 266 -13.29 12.61 -39.12
N ARG A 267 -12.82 11.76 -38.19
CA ARG A 267 -11.40 11.51 -38.05
C ARG A 267 -11.18 10.11 -37.47
N PHE A 268 -10.33 9.33 -38.14
CA PHE A 268 -9.88 8.04 -37.63
C PHE A 268 -8.39 8.13 -37.32
N GLY A 269 -8.00 7.77 -36.10
CA GLY A 269 -6.65 7.99 -35.64
C GLY A 269 -6.06 6.79 -34.92
N LEU A 270 -4.74 6.77 -34.88
CA LEU A 270 -3.96 5.78 -34.13
C LEU A 270 -3.24 6.48 -32.99
N VAL A 271 -3.11 5.79 -31.87
CA VAL A 271 -2.42 6.32 -30.69
C VAL A 271 -1.40 5.30 -30.21
N PHE A 272 -0.17 5.75 -30.01
CA PHE A 272 0.88 4.95 -29.40
C PHE A 272 1.44 5.72 -28.21
N GLU A 273 1.70 5.01 -27.11
CA GLU A 273 2.14 5.66 -25.90
C GLU A 273 3.02 4.71 -25.09
N LYS A 274 4.19 5.20 -24.69
CA LYS A 274 5.09 4.46 -23.81
C LYS A 274 5.57 5.38 -22.69
N TYR A 275 5.80 4.79 -21.52
CA TYR A 275 6.28 5.54 -20.37
C TYR A 275 7.02 4.60 -19.45
N LYS A 276 8.30 4.89 -19.19
CA LYS A 276 9.12 4.09 -18.29
C LYS A 276 9.72 5.00 -17.22
N SER A 277 9.56 4.60 -15.96
CA SER A 277 10.12 5.33 -14.83
C SER A 277 10.98 4.38 -14.01
N ASP A 278 12.23 4.75 -13.79
CA ASP A 278 13.19 3.93 -13.07
C ASP A 278 13.76 4.75 -11.92
N VAL A 279 13.60 4.25 -10.69
CA VAL A 279 14.08 4.94 -9.49
C VAL A 279 14.92 3.95 -8.69
N ASP A 280 16.18 4.29 -8.47
CA ASP A 280 17.08 3.52 -7.62
C ASP A 280 17.17 4.22 -6.27
N THR A 281 16.68 3.56 -5.23
CA THR A 281 16.60 4.16 -3.90
C THR A 281 17.54 3.48 -2.92
N ASP A 282 18.11 4.28 -2.02
CA ASP A 282 18.94 3.79 -0.92
C ASP A 282 18.20 4.10 0.38
N GLN A 283 17.68 3.08 1.04
CA GLN A 283 16.83 3.26 2.21
C GLN A 283 17.69 3.38 3.47
N LYS A 284 18.46 4.47 3.52
CA LYS A 284 19.33 4.70 4.67
C LYS A 284 18.54 4.89 5.95
N SER A 285 17.30 5.36 5.86
CA SER A 285 16.46 5.51 7.03
C SER A 285 16.10 4.18 7.67
N ALA A 286 16.21 3.08 6.93
CA ALA A 286 15.88 1.76 7.42
C ALA A 286 17.09 0.96 7.90
N TYR A 287 18.29 1.54 7.83
CA TYR A 287 19.47 0.84 8.32
C TYR A 287 19.38 0.67 9.83
N GLY A 288 19.88 -0.46 10.32
CA GLY A 288 19.87 -0.73 11.74
C GLY A 288 18.56 -1.27 12.28
N GLY A 289 17.58 -1.52 11.43
CA GLY A 289 16.32 -2.09 11.86
C GLY A 289 16.44 -3.57 12.13
N PRO A 290 15.32 -4.18 12.55
CA PRO A 290 13.98 -3.58 12.78
C PRO A 290 13.93 -2.73 14.03
N TYR A 291 12.88 -1.92 14.20
CA TYR A 291 12.74 -1.04 15.33
C TYR A 291 11.49 -1.40 16.12
N ASP A 292 11.50 -1.07 17.41
CA ASP A 292 10.37 -1.32 18.30
C ASP A 292 10.10 -0.04 19.09
N LYS A 293 9.01 0.65 18.76
CA LYS A 293 8.62 1.89 19.43
C LYS A 293 9.75 2.92 19.39
N GLY A 294 10.32 3.11 18.20
CA GLY A 294 11.34 4.11 17.98
C GLY A 294 12.74 3.70 18.36
N LYS A 295 12.96 2.46 18.78
CA LYS A 295 14.26 1.99 19.20
C LYS A 295 14.57 0.65 18.54
N PRO A 296 15.84 0.36 18.27
CA PRO A 296 16.19 -0.90 17.60
C PRO A 296 15.76 -2.11 18.43
N ALA A 297 15.26 -3.12 17.73
CA ALA A 297 14.83 -4.34 18.42
C ALA A 297 16.01 -5.07 19.05
N ILE A 298 17.12 -5.15 18.33
CA ILE A 298 18.35 -5.76 18.82
C ILE A 298 19.34 -4.64 19.13
N PRO A 299 19.82 -4.52 20.38
CA PRO A 299 20.73 -3.42 20.73
C PRO A 299 21.99 -3.47 19.90
N PRO A 300 22.51 -2.30 19.49
CA PRO A 300 23.77 -2.29 18.72
C PRO A 300 24.97 -2.78 19.51
N SER A 301 24.89 -2.83 20.84
CA SER A 301 26.00 -3.36 21.63
C SER A 301 26.23 -4.83 21.35
N MET A 302 25.18 -5.58 21.04
CA MET A 302 25.31 -7.00 20.72
C MET A 302 25.33 -7.28 19.23
N LEU A 303 24.64 -6.48 18.43
CA LEU A 303 24.61 -6.63 16.98
C LEU A 303 24.89 -5.28 16.34
N PRO A 304 26.16 -4.92 16.18
CA PRO A 304 26.47 -3.61 15.56
C PRO A 304 25.97 -3.56 14.13
N GLY A 305 25.14 -2.56 13.85
CA GLY A 305 24.54 -2.38 12.54
C GLY A 305 23.13 -2.91 12.40
N GLY A 306 22.67 -3.72 13.34
CA GLY A 306 21.32 -4.25 13.29
C GLY A 306 21.17 -5.40 12.33
N MET A 307 19.93 -5.90 12.24
CA MET A 307 19.65 -6.98 11.31
C MET A 307 19.60 -6.49 9.87
N TYR A 308 19.16 -5.25 9.65
CA TYR A 308 19.16 -4.62 8.33
C TYR A 308 20.43 -3.78 8.24
N GLN A 309 21.52 -4.41 7.81
CA GLN A 309 22.78 -3.68 7.70
C GLN A 309 22.68 -2.56 6.67
N TRP A 310 22.23 -2.88 5.46
CA TRP A 310 21.87 -1.88 4.47
C TRP A 310 20.73 -2.42 3.64
N ARG A 311 19.98 -1.52 3.01
CA ARG A 311 18.85 -1.89 2.18
C ARG A 311 18.81 -0.98 0.96
N LYS A 312 18.95 -1.56 -0.22
CA LYS A 312 18.88 -0.83 -1.47
C LYS A 312 17.76 -1.41 -2.33
N GLY A 313 17.13 -0.55 -3.12
CA GLY A 313 15.98 -0.96 -3.90
C GLY A 313 15.93 -0.29 -5.25
N ASN A 314 15.07 -0.81 -6.11
CA ASN A 314 14.84 -0.27 -7.45
C ASN A 314 13.35 -0.42 -7.76
N ASP A 315 12.65 0.66 -8.06
CA ASP A 315 11.23 0.57 -8.50
C ASP A 315 11.17 0.98 -9.96
N THR A 316 10.57 0.17 -10.82
CA THR A 316 10.43 0.46 -12.27
C THR A 316 8.96 0.48 -12.64
N LEU A 317 8.46 1.58 -13.16
CA LEU A 317 7.05 1.71 -13.60
C LEU A 317 7.04 1.74 -15.12
N THR A 318 6.08 1.07 -15.72
CA THR A 318 5.98 0.93 -17.19
C THR A 318 4.52 1.04 -17.59
N ARG A 319 4.22 1.77 -18.64
CA ARG A 319 2.88 1.85 -19.22
C ARG A 319 3.04 1.89 -20.72
N GLU A 320 2.50 0.90 -21.42
CA GLU A 320 2.43 0.94 -22.90
C GLU A 320 0.97 0.94 -23.29
N ARG A 321 0.62 1.73 -24.27
CA ARG A 321 -0.77 1.85 -24.68
C ARG A 321 -0.86 1.98 -26.20
N TYR A 322 -1.70 1.16 -26.80
CA TYR A 322 -2.04 1.23 -28.22
C TYR A 322 -3.55 1.43 -28.35
N GLY A 323 -3.96 2.34 -29.21
CA GLY A 323 -5.36 2.70 -29.28
C GLY A 323 -5.82 3.05 -30.68
N LEU A 324 -7.11 2.84 -30.92
CA LEU A 324 -7.80 3.29 -32.11
C LEU A 324 -8.97 4.14 -31.63
N GLU A 325 -9.20 5.27 -32.30
CA GLU A 325 -10.34 6.12 -31.99
C GLU A 325 -10.93 6.59 -33.30
N HIS A 326 -12.23 6.83 -33.32
CA HIS A 326 -12.93 7.21 -34.53
C HIS A 326 -14.16 8.02 -34.11
N HIS A 327 -14.36 9.16 -34.76
CA HIS A 327 -15.58 9.94 -34.59
C HIS A 327 -16.01 10.45 -35.96
N PHE A 328 -17.32 10.61 -36.13
CA PHE A 328 -17.86 11.03 -37.41
C PHE A 328 -19.25 11.63 -37.20
N LEU A 329 -19.69 12.38 -38.21
CA LEU A 329 -21.02 12.97 -38.23
C LEU A 329 -21.96 12.08 -39.01
N LEU A 330 -23.14 11.85 -38.47
CA LEU A 330 -24.11 10.93 -39.05
C LEU A 330 -25.43 11.64 -39.27
N ASP A 331 -26.12 11.29 -40.36
CA ASP A 331 -27.47 11.76 -40.63
C ASP A 331 -28.41 10.59 -40.34
N SER A 332 -28.87 10.51 -39.10
CA SER A 332 -29.73 9.42 -38.67
C SER A 332 -30.61 9.90 -37.52
N GLN A 333 -31.66 9.12 -37.25
CA GLN A 333 -32.57 9.44 -36.15
C GLN A 333 -32.07 8.94 -34.80
N VAL A 334 -31.01 8.14 -34.78
CA VAL A 334 -30.49 7.63 -33.51
C VAL A 334 -29.42 8.55 -32.93
N ALA A 335 -28.58 9.14 -33.78
CA ALA A 335 -27.53 10.02 -33.28
C ALA A 335 -27.11 10.98 -34.39
N ASP A 336 -26.59 12.13 -33.97
CA ASP A 336 -25.99 13.09 -34.89
C ASP A 336 -24.47 13.00 -34.94
N ARG A 337 -23.86 12.43 -33.91
CA ARG A 337 -22.41 12.27 -33.85
C ARG A 337 -22.09 11.02 -33.05
N ILE A 338 -21.23 10.16 -33.61
CA ILE A 338 -20.84 8.90 -32.98
C ILE A 338 -19.32 8.90 -32.84
N GLN A 339 -18.85 8.57 -31.64
CA GLN A 339 -17.43 8.37 -31.39
C GLN A 339 -17.21 7.07 -30.66
N TRP A 340 -16.12 6.38 -30.98
CA TRP A 340 -15.75 5.17 -30.27
C TRP A 340 -14.24 5.07 -30.22
N SER A 341 -13.75 4.27 -29.27
CA SER A 341 -12.33 4.05 -29.13
C SER A 341 -12.08 2.64 -28.62
N LEU A 342 -10.99 2.04 -29.10
CA LEU A 342 -10.53 0.74 -28.61
C LEU A 342 -9.08 0.90 -28.18
N ASN A 343 -8.79 0.56 -26.94
CA ASN A 343 -7.46 0.76 -26.37
C ASN A 343 -6.99 -0.52 -25.69
N TYR A 344 -5.68 -0.75 -25.79
CA TYR A 344 -5.00 -1.80 -25.04
C TYR A 344 -3.88 -1.16 -24.23
N GLN A 345 -3.86 -1.43 -22.93
CA GLN A 345 -2.86 -0.84 -22.05
C GLN A 345 -2.19 -1.94 -21.22
N LEU A 346 -0.87 -1.85 -21.12
CA LEU A 346 -0.07 -2.74 -20.28
C LEU A 346 0.70 -1.88 -19.30
N ALA A 347 0.27 -1.87 -18.05
CA ALA A 347 0.90 -1.10 -16.99
C ALA A 347 1.36 -2.04 -15.89
N LYS A 348 2.59 -1.86 -15.42
CA LYS A 348 3.13 -2.72 -14.39
C LYS A 348 4.14 -1.96 -13.55
N THR A 349 4.36 -2.47 -12.34
CA THR A 349 5.36 -1.93 -11.42
C THR A 349 6.29 -3.06 -10.99
N ASP A 350 7.59 -2.82 -11.09
CA ASP A 350 8.61 -3.78 -10.67
C ASP A 350 9.34 -3.20 -9.46
N GLN A 351 9.31 -3.93 -8.34
CA GLN A 351 10.07 -3.58 -7.15
C GLN A 351 11.13 -4.64 -6.93
N ALA A 352 12.39 -4.21 -6.89
CA ALA A 352 13.52 -5.08 -6.58
C ALA A 352 14.20 -4.56 -5.33
N THR A 353 14.36 -5.43 -4.34
CA THR A 353 14.97 -5.07 -3.06
C THR A 353 16.19 -5.94 -2.81
N ARG A 354 17.27 -5.29 -2.37
CA ARG A 354 18.50 -5.97 -1.97
C ARG A 354 18.90 -5.48 -0.59
N GLU A 355 19.35 -6.40 0.26
CA GLU A 355 19.75 -6.00 1.60
C GLU A 355 20.73 -7.00 2.19
N PHE A 356 21.62 -6.48 3.03
CA PHE A 356 22.45 -7.29 3.90
C PHE A 356 21.63 -7.64 5.12
N TYR A 357 21.19 -8.89 5.21
CA TYR A 357 20.33 -9.36 6.30
C TYR A 357 21.17 -10.13 7.29
N TYR A 358 21.10 -9.74 8.56
CA TYR A 358 21.93 -10.30 9.63
C TYR A 358 21.03 -10.72 10.78
N PRO A 359 20.32 -11.84 10.63
CA PRO A 359 19.47 -12.34 11.73
C PRO A 359 20.29 -13.04 12.82
N ILE A 360 21.25 -12.31 13.37
CA ILE A 360 22.07 -12.73 14.50
C ILE A 360 23.00 -13.88 14.13
N THR A 361 22.44 -15.00 13.68
CA THR A 361 23.23 -16.22 13.53
C THR A 361 23.99 -16.28 12.20
N ARG A 362 23.44 -15.71 11.14
CA ARG A 362 24.04 -15.83 9.82
C ARG A 362 24.02 -14.48 9.11
N LYS A 363 24.96 -14.31 8.18
CA LYS A 363 25.00 -13.14 7.32
C LYS A 363 24.62 -13.57 5.91
N VAL A 364 23.52 -13.02 5.40
CA VAL A 364 23.00 -13.39 4.10
C VAL A 364 22.72 -12.15 3.27
N LEU A 365 22.74 -12.33 1.96
CA LEU A 365 22.30 -11.32 1.01
C LEU A 365 20.88 -11.69 0.59
N ARG A 366 19.90 -10.96 1.11
CA ARG A 366 18.50 -11.28 0.88
C ARG A 366 17.95 -10.33 -0.19
N THR A 367 17.42 -10.91 -1.26
CA THR A 367 16.85 -10.14 -2.35
C THR A 367 15.37 -10.44 -2.48
N ARG A 368 14.61 -9.43 -2.92
CA ARG A 368 13.17 -9.57 -3.12
C ARG A 368 12.78 -8.95 -4.46
N ASP A 369 11.85 -9.59 -5.14
CA ASP A 369 11.31 -9.09 -6.41
C ASP A 369 9.78 -9.15 -6.37
N THR A 370 9.14 -8.05 -6.69
CA THR A 370 7.69 -7.97 -6.75
C THR A 370 7.27 -7.32 -8.06
N THR A 371 6.30 -7.94 -8.73
CA THR A 371 5.74 -7.40 -9.97
C THR A 371 4.22 -7.38 -9.86
N TYR A 372 3.64 -6.20 -10.03
CA TYR A 372 2.19 -6.03 -10.12
C TYR A 372 1.86 -5.53 -11.52
N LYS A 373 1.09 -6.30 -12.26
CA LYS A 373 0.83 -6.02 -13.68
C LYS A 373 -0.66 -6.04 -13.97
N GLU A 374 -1.11 -5.13 -14.83
CA GLU A 374 -2.50 -5.07 -15.27
C GLU A 374 -2.53 -4.92 -16.78
N ARG A 375 -3.18 -5.86 -17.45
CA ARG A 375 -3.46 -5.78 -18.88
C ARG A 375 -4.93 -5.46 -19.08
N LEU A 376 -5.21 -4.42 -19.87
CA LEU A 376 -6.56 -3.89 -20.00
C LEU A 376 -6.96 -3.79 -21.46
N TRP A 377 -8.14 -4.29 -21.79
CA TRP A 377 -8.82 -4.03 -23.05
C TRP A 377 -10.08 -3.23 -22.73
N VAL A 378 -10.21 -2.06 -23.35
CA VAL A 378 -11.35 -1.18 -23.09
C VAL A 378 -11.92 -0.70 -24.42
N PHE A 379 -13.23 -0.89 -24.59
CA PHE A 379 -13.97 -0.34 -25.72
C PHE A 379 -14.98 0.66 -25.17
N ASP A 380 -14.91 1.90 -25.66
CA ASP A 380 -15.82 2.95 -25.24
C ASP A 380 -16.57 3.49 -26.44
N SER A 381 -17.82 3.89 -26.22
CA SER A 381 -18.66 4.42 -27.27
C SER A 381 -19.58 5.49 -26.70
N GLN A 382 -19.95 6.44 -27.55
CA GLN A 382 -20.83 7.53 -27.12
C GLN A 382 -21.53 8.10 -28.35
N LEU A 383 -22.85 8.11 -28.34
CA LEU A 383 -23.66 8.64 -29.41
C LEU A 383 -24.40 9.88 -28.92
N ASP A 384 -24.23 10.99 -29.64
CA ASP A 384 -24.82 12.26 -29.26
C ASP A 384 -25.96 12.60 -30.22
N LYS A 385 -27.12 12.94 -29.66
CA LYS A 385 -28.29 13.31 -30.42
C LYS A 385 -28.90 14.56 -29.84
N SER A 386 -29.28 15.50 -30.71
CA SER A 386 -29.89 16.76 -30.29
C SER A 386 -31.26 16.88 -30.93
N PHE A 387 -32.25 17.26 -30.14
CA PHE A 387 -33.62 17.41 -30.61
C PHE A 387 -34.37 18.36 -29.69
N ALA A 388 -35.60 18.69 -30.06
CA ALA A 388 -36.42 19.65 -29.31
C ALA A 388 -37.82 19.08 -29.16
N ILE A 389 -38.33 19.09 -27.93
CA ILE A 389 -39.69 18.68 -27.63
C ILE A 389 -40.39 19.88 -27.02
N GLY A 390 -41.22 20.56 -27.80
CA GLY A 390 -41.92 21.73 -27.31
C GLY A 390 -40.95 22.86 -27.02
N GLU A 391 -41.04 23.41 -25.81
CA GLU A 391 -40.19 24.52 -25.39
C GLU A 391 -38.85 24.08 -24.85
N THR A 392 -38.61 22.78 -24.74
CA THR A 392 -37.39 22.25 -24.14
C THR A 392 -36.45 21.73 -25.22
N GLU A 393 -35.17 22.09 -25.11
CA GLU A 393 -34.12 21.58 -25.99
C GLU A 393 -33.41 20.43 -25.28
N HIS A 394 -33.21 19.33 -26.00
CA HIS A 394 -32.63 18.11 -25.44
C HIS A 394 -31.29 17.82 -26.08
N LEU A 395 -30.35 17.33 -25.28
CA LEU A 395 -29.05 16.87 -25.76
C LEU A 395 -28.78 15.51 -25.11
N LEU A 396 -29.00 14.43 -25.86
CA LEU A 396 -28.91 13.08 -25.34
C LEU A 396 -27.57 12.46 -25.75
N SER A 397 -26.89 11.84 -24.78
CA SER A 397 -25.64 11.13 -25.02
C SER A 397 -25.72 9.75 -24.38
N TYR A 398 -25.59 8.72 -25.20
CA TYR A 398 -25.67 7.34 -24.74
C TYR A 398 -24.59 6.52 -25.41
N GLY A 399 -24.28 5.38 -24.81
CA GLY A 399 -23.26 4.51 -25.37
C GLY A 399 -23.03 3.30 -24.49
N ILE A 400 -21.96 2.58 -24.79
CA ILE A 400 -21.56 1.40 -24.05
C ILE A 400 -20.09 1.49 -23.71
N ASN A 401 -19.69 0.76 -22.68
CA ASN A 401 -18.30 0.71 -22.25
C ASN A 401 -17.98 -0.73 -21.85
N LEU A 402 -17.03 -1.35 -22.55
CA LEU A 402 -16.63 -2.73 -22.31
C LEU A 402 -15.20 -2.75 -21.82
N LYS A 403 -14.95 -3.48 -20.73
CA LYS A 403 -13.63 -3.61 -20.16
C LYS A 403 -13.27 -5.07 -19.99
N HIS A 404 -11.99 -5.38 -20.24
CA HIS A 404 -11.45 -6.73 -20.06
C HIS A 404 -10.09 -6.57 -19.39
N GLN A 405 -10.04 -6.89 -18.10
CA GLN A 405 -8.86 -6.62 -17.28
C GLN A 405 -8.27 -7.93 -16.75
N LYS A 406 -6.96 -8.08 -16.88
CA LYS A 406 -6.22 -9.17 -16.27
C LYS A 406 -5.19 -8.60 -15.31
N VAL A 407 -5.22 -9.05 -14.06
CA VAL A 407 -4.33 -8.55 -13.01
C VAL A 407 -3.49 -9.70 -12.50
N THR A 408 -2.18 -9.50 -12.45
CA THR A 408 -1.24 -10.49 -11.93
C THR A 408 -0.33 -9.84 -10.90
N GLY A 409 -0.07 -10.56 -9.81
CA GLY A 409 0.87 -10.11 -8.80
C GLY A 409 1.80 -11.23 -8.38
N MET A 410 3.10 -11.00 -8.43
CA MET A 410 4.09 -12.03 -8.14
C MET A 410 5.09 -11.53 -7.11
N ARG A 411 5.45 -12.39 -6.18
CA ARG A 411 6.50 -12.12 -5.20
C ARG A 411 7.47 -13.29 -5.16
N SER A 412 8.76 -12.97 -5.07
CA SER A 412 9.80 -14.00 -5.00
C SER A 412 11.00 -13.40 -4.31
N GLY A 413 11.95 -14.27 -3.96
CA GLY A 413 13.15 -13.83 -3.27
C GLY A 413 14.20 -14.92 -3.27
N THR A 414 15.43 -14.49 -2.99
CA THR A 414 16.58 -15.39 -2.92
C THR A 414 17.39 -15.09 -1.66
N GLY A 415 18.20 -16.06 -1.27
CA GLY A 415 19.09 -15.89 -0.14
C GLY A 415 20.43 -16.56 -0.35
N THR A 416 21.51 -15.80 -0.20
CA THR A 416 22.86 -16.31 -0.36
C THR A 416 23.67 -15.97 0.88
N ASN A 417 24.37 -16.98 1.41
CA ASN A 417 25.23 -16.75 2.57
C ASN A 417 26.45 -15.93 2.16
N LEU A 418 26.75 -14.89 2.93
CA LEU A 418 27.87 -14.02 2.60
C LEU A 418 29.21 -14.57 3.06
N ASP A 419 29.21 -15.55 3.96
CA ASP A 419 30.46 -16.14 4.43
C ASP A 419 30.88 -17.35 3.60
N THR A 420 29.92 -18.21 3.23
CA THR A 420 30.22 -19.43 2.50
C THR A 420 29.85 -19.36 1.02
N GLY A 421 28.99 -18.42 0.63
CA GLY A 421 28.52 -18.33 -0.74
C GLY A 421 27.42 -19.29 -1.10
N ALA A 422 26.94 -20.09 -0.16
CA ALA A 422 25.90 -21.07 -0.43
C ALA A 422 24.52 -20.43 -0.38
N ASP A 423 23.54 -21.15 -0.92
CA ASP A 423 22.16 -20.69 -0.91
C ASP A 423 21.57 -20.79 0.48
N SER A 424 20.67 -19.85 0.80
CA SER A 424 19.97 -19.81 2.08
C SER A 424 18.48 -19.97 1.81
N PRO A 425 17.96 -21.21 1.86
CA PRO A 425 16.52 -21.41 1.64
C PRO A 425 15.64 -20.71 2.66
N ARG A 426 16.11 -20.55 3.90
CA ARG A 426 15.31 -19.87 4.91
C ARG A 426 15.06 -18.41 4.56
N ASP A 427 15.96 -17.81 3.79
CA ASP A 427 15.86 -16.40 3.41
C ASP A 427 15.33 -16.22 2.00
N ALA A 428 14.89 -17.29 1.34
CA ALA A 428 14.40 -17.25 -0.02
C ALA A 428 12.89 -17.40 -0.05
N LEU A 429 12.30 -16.99 -1.17
CA LEU A 429 10.86 -17.07 -1.38
C LEU A 429 10.59 -17.52 -2.80
N GLU A 430 9.79 -18.57 -2.95
CA GLU A 430 9.38 -19.03 -4.26
C GLU A 430 8.29 -18.13 -4.83
N ARG A 431 8.08 -18.23 -6.14
CA ARG A 431 7.10 -17.39 -6.82
C ARG A 431 5.71 -17.62 -6.24
N SER A 432 5.12 -16.54 -5.72
CA SER A 432 3.82 -16.60 -5.06
C SER A 432 2.89 -15.54 -5.63
N SER A 433 1.63 -15.91 -5.82
CA SER A 433 0.60 -15.00 -6.28
C SER A 433 -0.40 -14.76 -5.16
N ASP A 434 -0.67 -13.48 -4.88
CA ASP A 434 -1.59 -13.13 -3.81
C ASP A 434 -3.05 -13.27 -4.21
N PHE A 435 -3.35 -13.29 -5.51
CA PHE A 435 -4.69 -13.52 -6.01
C PHE A 435 -4.61 -14.47 -7.19
N PRO A 436 -5.68 -15.23 -7.46
CA PRO A 436 -5.63 -16.26 -8.51
C PRO A 436 -5.78 -15.69 -9.92
N ASP A 437 -4.90 -14.74 -10.26
CA ASP A 437 -4.80 -14.11 -11.57
C ASP A 437 -6.18 -13.86 -12.18
N PRO A 438 -6.98 -12.99 -11.59
CA PRO A 438 -8.38 -12.85 -12.03
C PRO A 438 -8.48 -12.18 -13.39
N THR A 439 -9.58 -12.49 -14.08
CA THR A 439 -9.99 -11.79 -15.28
C THR A 439 -11.28 -11.06 -14.97
N VAL A 440 -11.24 -9.72 -15.01
CA VAL A 440 -12.38 -8.89 -14.65
C VAL A 440 -12.97 -8.32 -15.94
N LYS A 441 -14.24 -8.63 -16.20
CA LYS A 441 -14.96 -8.11 -17.34
C LYS A 441 -16.02 -7.15 -16.85
N THR A 442 -15.99 -5.91 -17.34
CA THR A 442 -16.96 -4.89 -16.96
C THR A 442 -17.74 -4.47 -18.19
N TYR A 443 -19.06 -4.52 -18.09
CA TYR A 443 -19.96 -4.07 -19.14
C TYR A 443 -20.79 -2.91 -18.62
N ALA A 444 -20.79 -1.80 -19.34
CA ALA A 444 -21.46 -0.58 -18.91
C ALA A 444 -22.38 -0.07 -19.99
N LEU A 445 -23.58 0.36 -19.58
CA LEU A 445 -24.54 1.00 -20.46
C LEU A 445 -25.00 2.28 -19.79
N PHE A 446 -24.86 3.41 -20.48
CA PHE A 446 -25.15 4.71 -19.88
C PHE A 446 -25.96 5.56 -20.84
N ALA A 447 -26.78 6.44 -20.28
CA ALA A 447 -27.53 7.43 -21.03
C ALA A 447 -27.63 8.70 -20.22
N GLN A 448 -27.47 9.85 -20.88
CA GLN A 448 -27.53 11.14 -20.23
C GLN A 448 -28.23 12.13 -21.14
N ASP A 449 -29.13 12.92 -20.55
CA ASP A 449 -29.91 13.92 -21.28
C ASP A 449 -29.71 15.28 -20.63
N SER A 450 -29.41 16.28 -21.44
CA SER A 450 -29.30 17.67 -20.99
C SER A 450 -30.51 18.42 -21.51
N ILE A 451 -31.41 18.82 -20.61
CA ILE A 451 -32.67 19.47 -20.97
C ILE A 451 -32.58 20.92 -20.55
N SER A 452 -32.73 21.82 -21.51
CA SER A 452 -32.74 23.26 -21.25
C SER A 452 -34.17 23.78 -21.39
N TRP A 453 -34.64 24.45 -20.33
CA TRP A 453 -35.98 25.03 -20.32
C TRP A 453 -35.88 26.40 -19.65
N ASN A 454 -35.94 27.46 -20.46
CA ASN A 454 -35.79 28.85 -19.99
C ASN A 454 -34.43 28.98 -19.33
N ASP A 455 -34.34 29.37 -18.06
CA ASP A 455 -33.06 29.47 -17.37
C ASP A 455 -32.71 28.20 -16.61
N TRP A 456 -33.56 27.19 -16.66
CA TRP A 456 -33.29 25.92 -16.00
C TRP A 456 -32.50 25.00 -16.93
N THR A 457 -31.74 24.09 -16.33
CA THR A 457 -31.02 23.06 -17.06
C THR A 457 -31.03 21.80 -16.22
N PHE A 458 -31.73 20.77 -16.70
CA PHE A 458 -31.85 19.50 -16.00
C PHE A 458 -31.00 18.45 -16.71
N THR A 459 -30.25 17.67 -15.94
CA THR A 459 -29.35 16.66 -16.48
C THR A 459 -29.58 15.32 -15.77
N PRO A 460 -30.67 14.64 -16.07
CA PRO A 460 -30.83 13.26 -15.56
C PRO A 460 -29.87 12.31 -16.25
N GLY A 461 -29.47 11.27 -15.51
CA GLY A 461 -28.52 10.31 -16.03
C GLY A 461 -28.72 8.94 -15.43
N LEU A 462 -28.27 7.93 -16.17
CA LEU A 462 -28.32 6.54 -15.74
C LEU A 462 -27.08 5.83 -16.26
N ARG A 463 -26.51 4.96 -15.42
CA ARG A 463 -25.40 4.11 -15.81
C ARG A 463 -25.59 2.75 -15.18
N TYR A 464 -25.72 1.73 -16.02
CA TYR A 464 -25.82 0.35 -15.57
C TYR A 464 -24.46 -0.32 -15.72
N ASP A 465 -23.94 -0.86 -14.62
CA ASP A 465 -22.64 -1.51 -14.60
C ASP A 465 -22.82 -2.99 -14.29
N TYR A 466 -22.11 -3.83 -15.03
CA TYR A 466 -22.08 -5.27 -14.79
C TYR A 466 -20.63 -5.71 -14.69
N THR A 467 -20.25 -6.29 -13.55
CA THR A 467 -18.88 -6.72 -13.31
C THR A 467 -18.87 -8.22 -13.03
N ARG A 468 -18.02 -8.94 -13.76
CA ARG A 468 -17.83 -10.37 -13.55
C ARG A 468 -16.35 -10.64 -13.40
N MET A 469 -15.99 -11.39 -12.36
CA MET A 469 -14.60 -11.74 -12.08
C MET A 469 -14.42 -13.24 -12.17
N GLU A 470 -13.46 -13.68 -12.98
CA GLU A 470 -13.16 -15.09 -13.16
C GLU A 470 -11.83 -15.43 -12.50
N PRO A 471 -11.81 -16.20 -11.42
CA PRO A 471 -10.55 -16.64 -10.84
C PRO A 471 -9.85 -17.67 -11.74
N HIS A 472 -8.53 -17.74 -11.58
CA HIS A 472 -7.71 -18.71 -12.30
C HIS A 472 -6.67 -19.25 -11.33
N ILE A 473 -6.94 -20.42 -10.75
CA ILE A 473 -6.05 -20.99 -9.75
C ILE A 473 -4.76 -21.45 -10.43
N THR A 474 -3.63 -20.93 -9.97
CA THR A 474 -2.32 -21.29 -10.48
C THR A 474 -1.49 -21.90 -9.37
N ASP A 475 -0.33 -22.46 -9.76
CA ASP A 475 0.57 -23.02 -8.76
C ASP A 475 1.17 -21.95 -7.86
N GLU A 476 1.39 -20.74 -8.39
CA GLU A 476 1.89 -19.66 -7.57
C GLU A 476 0.89 -19.27 -6.49
N PHE A 477 -0.41 -19.28 -6.82
CA PHE A 477 -1.42 -18.98 -5.81
C PHE A 477 -1.62 -20.15 -4.86
N LEU A 478 -1.51 -21.38 -5.37
CA LEU A 478 -1.59 -22.55 -4.49
C LEU A 478 -0.47 -22.53 -3.46
N ARG A 479 0.69 -21.97 -3.82
CA ARG A 479 1.77 -21.83 -2.85
C ARG A 479 1.39 -20.89 -1.73
N THR A 480 0.68 -19.80 -2.06
CA THR A 480 0.18 -18.90 -1.03
C THR A 480 -0.83 -19.60 -0.12
N MET A 481 -1.68 -20.46 -0.70
CA MET A 481 -2.58 -21.27 0.11
C MET A 481 -1.83 -22.25 0.99
N LYS A 482 -0.58 -22.57 0.66
CA LYS A 482 0.23 -23.45 1.49
C LYS A 482 1.01 -22.71 2.55
N GLN A 483 1.46 -21.48 2.25
CA GLN A 483 2.18 -20.69 3.24
C GLN A 483 1.32 -20.46 4.47
N SER A 484 0.08 -20.01 4.27
CA SER A 484 -0.91 -20.01 5.33
C SER A 484 -1.59 -21.37 5.38
N GLN A 485 -2.31 -21.61 6.48
CA GLN A 485 -3.06 -22.84 6.63
C GLN A 485 -4.49 -22.71 6.14
N ASN A 486 -4.73 -21.83 5.17
CA ASN A 486 -6.05 -21.55 4.62
C ASN A 486 -6.06 -22.03 3.17
N THR A 487 -6.73 -23.16 2.93
CA THR A 487 -6.86 -23.72 1.58
C THR A 487 -8.28 -23.61 1.04
N ALA A 488 -9.13 -22.80 1.66
CA ALA A 488 -10.52 -22.66 1.23
C ALA A 488 -10.60 -21.54 0.19
N VAL A 489 -10.76 -21.92 -1.07
CA VAL A 489 -10.90 -20.97 -2.16
C VAL A 489 -12.05 -21.42 -3.05
N ASP A 490 -12.86 -20.47 -3.50
CA ASP A 490 -13.98 -20.74 -4.38
C ASP A 490 -13.57 -20.42 -5.82
N GLU A 491 -13.69 -21.40 -6.70
CA GLU A 491 -13.28 -21.24 -8.09
C GLU A 491 -14.40 -20.74 -8.99
N SER A 492 -15.58 -20.47 -8.44
CA SER A 492 -16.68 -19.96 -9.23
C SER A 492 -16.51 -18.47 -9.50
N ASP A 493 -17.36 -17.93 -10.36
CA ASP A 493 -17.30 -16.53 -10.75
C ASP A 493 -18.18 -15.67 -9.85
N LYS A 494 -17.70 -14.48 -9.53
CA LYS A 494 -18.45 -13.53 -8.72
C LYS A 494 -18.98 -12.42 -9.62
N LYS A 495 -20.27 -12.14 -9.51
CA LYS A 495 -20.96 -11.18 -10.37
C LYS A 495 -21.61 -10.09 -9.52
N TRP A 496 -21.48 -8.84 -9.99
CA TRP A 496 -22.15 -7.71 -9.37
C TRP A 496 -22.76 -6.84 -10.46
N HIS A 497 -23.88 -6.20 -10.14
CA HIS A 497 -24.52 -5.31 -11.09
C HIS A 497 -25.38 -4.31 -10.33
N ARG A 498 -25.45 -3.08 -10.85
CA ARG A 498 -26.24 -2.05 -10.21
C ARG A 498 -26.55 -0.96 -11.23
N VAL A 499 -27.69 -0.30 -11.02
CA VAL A 499 -28.06 0.89 -11.76
C VAL A 499 -27.78 2.10 -10.88
N SER A 500 -26.98 3.04 -11.41
CA SER A 500 -26.61 4.24 -10.65
C SER A 500 -27.27 5.46 -11.26
N PRO A 501 -28.37 5.96 -10.69
CA PRO A 501 -28.98 7.17 -11.22
C PRO A 501 -28.14 8.41 -10.91
N LYS A 502 -28.30 9.43 -11.75
CA LYS A 502 -27.61 10.69 -11.59
C LYS A 502 -28.52 11.81 -12.05
N PHE A 503 -28.58 12.89 -11.27
CA PHE A 503 -29.42 14.03 -11.61
C PHE A 503 -28.71 15.32 -11.26
N GLY A 504 -28.67 16.24 -12.21
CA GLY A 504 -28.15 17.57 -11.95
C GLY A 504 -29.11 18.61 -12.49
N VAL A 505 -29.20 19.72 -11.77
CA VAL A 505 -30.10 20.81 -12.12
C VAL A 505 -29.34 22.12 -11.99
N THR A 506 -29.52 23.01 -12.97
CA THR A 506 -28.88 24.31 -13.00
C THR A 506 -29.94 25.37 -13.28
N TYR A 507 -29.89 26.48 -12.53
CA TYR A 507 -30.83 27.57 -12.71
C TYR A 507 -30.08 28.90 -12.66
N ASP A 508 -30.23 29.69 -13.72
CA ASP A 508 -29.63 31.02 -13.80
C ASP A 508 -30.66 32.08 -13.43
N PHE A 509 -30.22 33.11 -12.71
CA PHE A 509 -31.13 34.16 -12.30
C PHE A 509 -30.33 35.43 -12.03
N ALA A 510 -31.03 36.56 -12.10
CA ALA A 510 -30.50 37.89 -11.82
C ALA A 510 -29.33 38.26 -12.73
N GLN A 511 -29.23 37.61 -13.88
CA GLN A 511 -28.28 37.96 -14.94
C GLN A 511 -26.83 37.73 -14.55
N HIS A 512 -26.60 37.31 -13.30
CA HIS A 512 -25.25 37.12 -12.79
C HIS A 512 -25.05 35.83 -12.00
N TYR A 513 -26.11 35.22 -11.48
CA TYR A 513 -25.98 34.13 -10.53
C TYR A 513 -26.44 32.81 -11.13
N THR A 514 -25.98 31.73 -10.52
CA THR A 514 -26.32 30.38 -10.97
C THR A 514 -26.41 29.48 -9.75
N TRP A 515 -27.58 28.88 -9.55
CA TRP A 515 -27.77 27.86 -8.53
C TRP A 515 -27.76 26.48 -9.18
N TYR A 516 -27.13 25.52 -8.51
CA TYR A 516 -27.07 24.17 -9.03
C TYR A 516 -27.29 23.16 -7.91
N GLY A 517 -27.81 22.01 -8.29
CA GLY A 517 -27.88 20.87 -7.40
C GLY A 517 -27.45 19.62 -8.11
N GLN A 518 -26.83 18.72 -7.36
CA GLN A 518 -26.28 17.49 -7.94
C GLN A 518 -26.62 16.30 -7.04
N TYR A 519 -27.16 15.25 -7.65
CA TYR A 519 -27.33 13.96 -6.99
C TYR A 519 -26.65 12.90 -7.85
N ALA A 520 -25.84 12.06 -7.22
CA ALA A 520 -25.13 11.02 -7.94
C ALA A 520 -24.96 9.80 -7.04
N GLN A 521 -24.73 8.66 -7.66
CA GLN A 521 -24.50 7.41 -6.96
C GLN A 521 -23.25 6.73 -7.51
N GLY A 522 -22.48 6.12 -6.62
CA GLY A 522 -21.27 5.43 -7.01
C GLY A 522 -21.32 3.95 -6.67
N PHE A 523 -20.48 3.16 -7.33
CA PHE A 523 -20.52 1.71 -7.15
C PHE A 523 -19.14 1.16 -7.51
N ARG A 524 -18.44 0.61 -6.52
CA ARG A 524 -17.12 0.02 -6.73
C ARG A 524 -17.14 -1.41 -6.18
N THR A 525 -16.78 -2.37 -7.03
CA THR A 525 -16.78 -3.77 -6.65
C THR A 525 -15.50 -4.14 -5.92
N PRO A 526 -15.52 -5.18 -5.09
CA PRO A 526 -14.31 -5.59 -4.38
C PRO A 526 -13.22 -6.09 -5.33
N THR A 527 -11.98 -5.94 -4.89
CA THR A 527 -10.83 -6.40 -5.65
C THR A 527 -10.47 -7.83 -5.28
N ALA A 528 -9.61 -8.44 -6.09
CA ALA A 528 -9.25 -9.84 -5.86
C ALA A 528 -8.41 -10.02 -4.61
N LYS A 529 -7.56 -9.03 -4.28
CA LYS A 529 -6.73 -9.14 -3.09
C LYS A 529 -7.59 -9.23 -1.82
N ALA A 530 -8.64 -8.40 -1.74
CA ALA A 530 -9.53 -8.46 -0.59
C ALA A 530 -10.32 -9.76 -0.55
N LEU A 531 -10.65 -10.32 -1.73
CA LEU A 531 -11.49 -11.52 -1.78
C LEU A 531 -10.69 -12.80 -1.63
N TYR A 532 -9.40 -12.79 -2.01
CA TYR A 532 -8.61 -14.02 -2.01
C TYR A 532 -7.29 -13.93 -1.28
N GLY A 533 -6.80 -12.74 -0.96
CA GLY A 533 -5.49 -12.62 -0.33
C GLY A 533 -5.46 -13.32 1.02
N ARG A 534 -4.37 -14.06 1.25
CA ARG A 534 -4.19 -14.79 2.50
C ARG A 534 -2.70 -14.85 2.81
N PHE A 535 -2.37 -14.64 4.08
CA PHE A 535 -0.99 -14.66 4.53
C PHE A 535 -0.97 -14.95 6.02
N GLU A 536 -0.01 -15.76 6.46
CA GLU A 536 0.14 -16.13 7.85
C GLU A 536 1.54 -15.82 8.32
N ASN A 537 1.65 -15.18 9.48
CA ASN A 537 2.94 -14.86 10.11
C ASN A 537 2.88 -15.40 11.53
N LEU A 538 3.33 -16.65 11.71
CA LEU A 538 3.39 -17.25 13.03
C LEU A 538 4.50 -16.66 13.89
N GLN A 539 5.48 -15.99 13.28
CA GLN A 539 6.55 -15.38 14.06
C GLN A 539 6.07 -14.17 14.84
N ALA A 540 5.34 -13.27 14.16
CA ALA A 540 4.82 -12.07 14.80
C ALA A 540 3.41 -12.24 15.33
N GLY A 541 2.77 -13.37 15.07
CA GLY A 541 1.45 -13.64 15.62
C GLY A 541 0.31 -12.89 14.97
N TYR A 542 0.19 -13.01 13.65
CA TYR A 542 -0.95 -12.45 12.94
C TYR A 542 -1.15 -13.22 11.65
N HIS A 543 -2.31 -13.04 11.04
CA HIS A 543 -2.60 -13.63 9.74
C HIS A 543 -3.62 -12.76 9.03
N ILE A 544 -3.69 -12.94 7.71
CA ILE A 544 -4.62 -12.21 6.85
C ILE A 544 -5.66 -13.20 6.34
N GLU A 545 -6.93 -12.91 6.63
CA GLU A 545 -8.03 -13.75 6.18
C GLU A 545 -8.68 -13.16 4.94
N PRO A 546 -8.89 -13.94 3.90
CA PRO A 546 -9.69 -13.46 2.77
C PRO A 546 -11.14 -13.26 3.17
N ASN A 547 -11.82 -12.38 2.43
CA ASN A 547 -13.23 -12.09 2.66
C ASN A 547 -13.97 -12.26 1.33
N PRO A 548 -14.28 -13.50 0.94
CA PRO A 548 -15.00 -13.72 -0.32
C PRO A 548 -16.42 -13.19 -0.33
N ASN A 549 -16.98 -12.83 0.83
CA ASN A 549 -18.33 -12.28 0.93
C ASN A 549 -18.33 -10.76 1.05
N LEU A 550 -17.21 -10.11 0.74
CA LEU A 550 -17.15 -8.65 0.82
C LEU A 550 -18.12 -8.03 -0.18
N LYS A 551 -18.84 -7.01 0.29
CA LYS A 551 -19.86 -6.35 -0.53
C LYS A 551 -19.28 -5.12 -1.22
N PRO A 552 -19.77 -4.79 -2.41
CA PRO A 552 -19.29 -3.60 -3.11
C PRO A 552 -19.74 -2.32 -2.42
N GLU A 553 -18.99 -1.25 -2.68
CA GLU A 553 -19.30 0.05 -2.10
C GLU A 553 -20.46 0.71 -2.83
N LYS A 554 -21.34 1.34 -2.06
CA LYS A 554 -22.42 2.16 -2.58
C LYS A 554 -22.33 3.54 -1.95
N SER A 555 -22.31 4.58 -2.78
CA SER A 555 -22.18 5.95 -2.30
C SER A 555 -23.30 6.81 -2.87
N GLN A 556 -23.73 7.78 -2.08
CA GLN A 556 -24.68 8.80 -2.50
C GLN A 556 -24.05 10.17 -2.32
N SER A 557 -24.04 10.97 -3.38
CA SER A 557 -23.44 12.30 -3.36
C SER A 557 -24.55 13.34 -3.47
N PHE A 558 -24.63 14.22 -2.48
CA PHE A 558 -25.52 15.37 -2.50
C PHE A 558 -24.66 16.62 -2.55
N GLU A 559 -24.94 17.52 -3.50
CA GLU A 559 -24.19 18.75 -3.60
C GLU A 559 -25.08 19.85 -4.15
N THR A 560 -25.04 21.02 -3.50
CA THR A 560 -25.70 22.21 -3.97
C THR A 560 -24.74 23.38 -3.84
N GLY A 561 -24.96 24.40 -4.66
CA GLY A 561 -24.05 25.54 -4.62
C GLY A 561 -24.62 26.72 -5.35
N LEU A 562 -23.90 27.85 -5.22
CA LEU A 562 -24.26 29.10 -5.86
C LEU A 562 -23.03 29.71 -6.49
N ARG A 563 -23.15 30.12 -7.76
CA ARG A 563 -22.07 30.77 -8.47
C ARG A 563 -22.51 32.15 -8.93
N GLY A 564 -21.56 33.09 -8.90
CA GLY A 564 -21.83 34.43 -9.38
C GLY A 564 -20.75 34.94 -10.29
N LYS A 565 -21.12 35.35 -11.50
CA LYS A 565 -20.17 35.82 -12.50
C LYS A 565 -20.40 37.30 -12.75
N PHE A 566 -19.33 38.10 -12.63
CA PHE A 566 -19.35 39.52 -12.88
C PHE A 566 -18.18 39.88 -13.79
N ASP A 567 -18.22 41.08 -14.36
CA ASP A 567 -17.08 41.58 -15.11
C ASP A 567 -15.93 42.01 -14.23
N GLU A 568 -16.19 42.28 -12.95
CA GLU A 568 -15.16 42.67 -11.99
C GLU A 568 -14.74 41.52 -11.09
N GLY A 569 -15.14 40.29 -11.40
CA GLY A 569 -14.75 39.14 -10.61
C GLY A 569 -15.84 38.08 -10.61
N SER A 570 -15.62 37.06 -9.80
CA SER A 570 -16.56 35.96 -9.68
C SER A 570 -16.36 35.27 -8.34
N PHE A 571 -17.36 34.48 -7.95
CA PHE A 571 -17.28 33.72 -6.71
C PHE A 571 -17.99 32.39 -6.88
N GLY A 572 -17.71 31.47 -5.98
CA GLY A 572 -18.35 30.17 -5.98
C GLY A 572 -18.45 29.56 -4.60
N VAL A 573 -19.66 29.15 -4.22
CA VAL A 573 -19.91 28.50 -2.94
C VAL A 573 -20.46 27.11 -3.22
N ALA A 574 -19.91 26.10 -2.54
CA ALA A 574 -20.34 24.73 -2.72
C ALA A 574 -20.49 24.05 -1.37
N VAL A 575 -21.58 23.31 -1.20
CA VAL A 575 -21.82 22.49 -0.02
C VAL A 575 -22.13 21.08 -0.49
N PHE A 576 -21.46 20.09 0.08
CA PHE A 576 -21.64 18.71 -0.33
C PHE A 576 -21.90 17.83 0.89
N TYR A 577 -22.56 16.70 0.62
CA TYR A 577 -22.89 15.73 1.66
C TYR A 577 -22.83 14.35 1.01
N ASN A 578 -21.86 13.53 1.42
CA ASN A 578 -21.64 12.22 0.81
C ASN A 578 -21.88 11.14 1.85
N LYS A 579 -22.74 10.18 1.51
CA LYS A 579 -23.01 9.01 2.34
C LYS A 579 -22.44 7.77 1.66
N TYR A 580 -21.69 6.98 2.42
CA TYR A 580 -21.07 5.78 1.90
C TYR A 580 -21.63 4.55 2.61
N ARG A 581 -22.06 3.57 1.84
CA ARG A 581 -22.56 2.31 2.36
C ARG A 581 -21.63 1.18 1.98
N ASP A 582 -21.34 0.31 2.95
CA ASP A 582 -20.40 -0.80 2.77
C ASP A 582 -19.03 -0.29 2.31
N PHE A 583 -18.55 0.73 2.99
CA PHE A 583 -17.24 1.29 2.71
C PHE A 583 -16.16 0.23 2.96
N ILE A 584 -15.41 -0.10 1.91
CA ILE A 584 -14.44 -1.18 1.98
C ILE A 584 -13.21 -0.69 2.74
N ASP A 585 -12.83 -1.42 3.79
CA ASP A 585 -11.66 -1.12 4.61
C ASP A 585 -10.72 -2.32 4.51
N GLU A 586 -9.82 -2.29 3.54
CA GLU A 586 -8.93 -3.41 3.28
C GLU A 586 -7.85 -3.51 4.36
N ASP A 587 -7.48 -4.74 4.70
CA ASP A 587 -6.43 -5.03 5.68
C ASP A 587 -6.76 -4.45 7.05
N ALA A 588 -8.04 -4.34 7.37
CA ALA A 588 -8.45 -3.81 8.67
C ALA A 588 -8.21 -4.84 9.76
N LEU A 589 -7.78 -4.37 10.93
CA LEU A 589 -7.51 -5.25 12.06
C LEU A 589 -8.82 -5.54 12.80
N ASN A 590 -9.15 -6.81 12.94
CA ASN A 590 -10.40 -7.21 13.59
C ASN A 590 -10.33 -6.93 15.09
N THR A 591 -11.39 -6.33 15.63
CA THR A 591 -11.51 -6.01 17.05
C THR A 591 -10.29 -5.26 17.58
N GLY A 598 -3.58 -15.07 17.21
CA GLY A 598 -3.18 -13.71 17.51
C GLY A 598 -4.08 -12.65 16.91
N GLN A 599 -3.54 -11.85 16.02
CA GLN A 599 -4.28 -10.78 15.37
C GLN A 599 -4.75 -11.24 13.99
N THR A 600 -5.88 -10.67 13.55
CA THR A 600 -6.47 -11.01 12.27
C THR A 600 -6.67 -9.74 11.45
N PHE A 601 -6.11 -9.72 10.25
CA PHE A 601 -6.31 -8.64 9.30
C PHE A 601 -7.26 -9.14 8.21
N GLN A 602 -8.38 -8.45 8.04
CA GLN A 602 -9.37 -8.86 7.06
C GLN A 602 -10.03 -7.62 6.47
N SER A 603 -10.33 -7.67 5.18
CA SER A 603 -11.08 -6.60 4.54
C SER A 603 -12.55 -6.72 4.90
N ASN A 604 -13.12 -5.64 5.44
CA ASN A 604 -14.49 -5.63 5.90
C ASN A 604 -15.20 -4.39 5.36
N ASN A 605 -16.52 -4.40 5.46
CA ASN A 605 -17.36 -3.31 5.01
C ASN A 605 -17.74 -2.42 6.19
N ILE A 606 -17.49 -1.12 6.06
CA ILE A 606 -18.01 -0.14 7.01
C ILE A 606 -19.42 0.22 6.57
N GLU A 607 -20.40 -0.07 7.43
CA GLU A 607 -21.79 -0.02 7.01
C GLU A 607 -22.21 1.39 6.61
N ARG A 608 -21.83 2.39 7.40
CA ARG A 608 -22.22 3.77 7.13
C ARG A 608 -21.03 4.70 7.36
N ALA A 609 -20.88 5.67 6.46
CA ALA A 609 -19.84 6.68 6.56
C ALA A 609 -20.33 7.94 5.88
N VAL A 610 -20.02 9.09 6.47
CA VAL A 610 -20.47 10.38 5.97
C VAL A 610 -19.26 11.30 5.86
N ILE A 611 -19.12 11.96 4.72
CA ILE A 611 -18.15 13.03 4.53
C ILE A 611 -18.89 14.23 3.95
N LYS A 612 -18.87 15.34 4.68
CA LYS A 612 -19.54 16.57 4.27
C LYS A 612 -18.56 17.72 4.41
N GLY A 613 -18.88 18.84 3.75
CA GLY A 613 -18.01 19.99 3.83
C GLY A 613 -18.51 21.13 2.97
N VAL A 614 -17.74 22.20 2.98
CA VAL A 614 -18.04 23.43 2.25
C VAL A 614 -16.78 23.88 1.51
N GLU A 615 -16.95 24.30 0.26
CA GLU A 615 -15.86 24.83 -0.54
C GLU A 615 -16.20 26.24 -1.00
N LEU A 616 -15.24 27.15 -0.88
CA LEU A 616 -15.41 28.55 -1.24
C LEU A 616 -14.37 28.95 -2.28
N LYS A 617 -14.80 29.66 -3.31
CA LYS A 617 -13.92 30.15 -4.35
C LYS A 617 -14.27 31.61 -4.64
N GLY A 618 -13.28 32.35 -5.12
CA GLY A 618 -13.50 33.73 -5.48
C GLY A 618 -12.33 34.37 -6.20
N ARG A 619 -12.61 35.36 -7.05
CA ARG A 619 -11.58 36.11 -7.74
C ARG A 619 -12.08 37.53 -7.94
N LEU A 620 -11.22 38.50 -7.75
CA LEU A 620 -11.56 39.91 -7.87
C LEU A 620 -10.57 40.60 -8.79
N GLU A 621 -11.09 41.27 -9.82
CA GLU A 621 -10.26 42.07 -10.71
C GLU A 621 -10.08 43.45 -10.09
N LEU A 622 -8.87 43.74 -9.62
CA LEU A 622 -8.64 44.94 -8.83
C LEU A 622 -8.61 46.20 -9.68
N GLY A 623 -8.44 46.07 -11.00
CA GLY A 623 -8.40 47.24 -11.86
C GLY A 623 -9.71 47.99 -11.95
N ALA A 624 -10.83 47.31 -11.68
CA ALA A 624 -12.13 47.98 -11.72
C ALA A 624 -12.36 48.85 -10.50
N PHE A 625 -11.76 48.50 -9.36
CA PHE A 625 -11.92 49.24 -8.12
C PHE A 625 -10.88 50.32 -7.93
N GLY A 626 -9.97 50.50 -8.89
CA GLY A 626 -8.90 51.47 -8.81
C GLY A 626 -7.59 50.82 -8.44
N ALA A 627 -6.79 50.50 -9.46
CA ALA A 627 -5.53 49.80 -9.35
C ALA A 627 -4.94 49.70 -10.76
N PRO A 628 -3.65 49.40 -10.91
CA PRO A 628 -3.14 49.13 -12.25
C PRO A 628 -3.87 47.96 -12.89
N GLN A 629 -4.19 48.09 -14.17
CA GLN A 629 -4.95 47.07 -14.86
C GLN A 629 -4.15 45.79 -14.97
N GLY A 630 -4.82 44.66 -14.76
CA GLY A 630 -4.18 43.36 -14.74
C GLY A 630 -3.93 42.81 -13.36
N LEU A 631 -3.96 43.65 -12.34
CA LEU A 631 -3.82 43.18 -10.96
C LEU A 631 -5.10 42.47 -10.53
N TYR A 632 -4.96 41.31 -9.91
CA TYR A 632 -6.11 40.54 -9.48
C TYR A 632 -5.78 39.83 -8.16
N THR A 633 -6.83 39.44 -7.45
CA THR A 633 -6.68 38.64 -6.24
C THR A 633 -7.70 37.51 -6.27
N GLN A 634 -7.31 36.38 -5.69
CA GLN A 634 -8.15 35.19 -5.73
C GLN A 634 -7.97 34.40 -4.43
N GLY A 635 -8.95 33.56 -4.14
CA GLY A 635 -8.90 32.73 -2.95
C GLY A 635 -9.67 31.45 -3.17
N SER A 636 -9.30 30.43 -2.40
CA SER A 636 -9.97 29.14 -2.46
C SER A 636 -9.82 28.46 -1.10
N VAL A 637 -10.95 28.18 -0.45
CA VAL A 637 -10.98 27.55 0.86
C VAL A 637 -11.82 26.30 0.76
N ALA A 638 -11.31 25.20 1.32
CA ALA A 638 -12.03 23.93 1.33
C ALA A 638 -12.07 23.38 2.75
N TYR A 639 -13.24 22.88 3.13
CA TYR A 639 -13.44 22.25 4.44
C TYR A 639 -14.13 20.91 4.25
N ALA A 640 -13.77 19.94 5.07
CA ALA A 640 -14.36 18.61 5.02
C ALA A 640 -14.54 18.08 6.42
N TYR A 641 -15.48 17.16 6.57
CA TYR A 641 -15.80 16.56 7.87
C TYR A 641 -16.23 15.12 7.62
N GLY A 642 -15.40 14.16 8.03
CA GLY A 642 -15.68 12.74 7.84
C GLY A 642 -15.89 12.05 9.18
N ARG A 643 -16.88 11.15 9.22
CA ARG A 643 -17.18 10.38 10.42
C ARG A 643 -17.52 8.95 10.03
N ASN A 644 -16.98 8.00 10.79
CA ASN A 644 -17.35 6.60 10.66
C ASN A 644 -18.55 6.35 11.57
N LYS A 645 -19.73 6.21 10.97
CA LYS A 645 -20.95 6.12 11.77
C LYS A 645 -21.12 4.76 12.44
N ASP A 646 -20.30 3.77 12.11
CA ASP A 646 -20.36 2.49 12.80
C ASP A 646 -19.85 2.61 14.23
N ASN A 647 -18.70 3.27 14.41
CA ASN A 647 -18.09 3.40 15.73
C ASN A 647 -17.98 4.85 16.20
N GLY A 648 -18.43 5.81 15.39
CA GLY A 648 -18.36 7.21 15.78
C GLY A 648 -16.99 7.85 15.60
N GLU A 649 -16.04 7.14 15.02
CA GLU A 649 -14.68 7.65 14.87
C GLU A 649 -14.57 8.56 13.66
N PRO A 650 -13.61 9.50 13.68
CA PRO A 650 -13.36 10.31 12.50
C PRO A 650 -12.68 9.51 11.40
N ILE A 651 -12.72 10.06 10.19
CA ILE A 651 -12.03 9.49 9.05
C ILE A 651 -10.71 10.22 8.88
N ASN A 652 -9.61 9.49 8.97
CA ASN A 652 -8.27 10.10 9.01
C ASN A 652 -7.81 10.61 7.66
N SER A 653 -8.47 10.22 6.57
CA SER A 653 -8.09 10.69 5.25
C SER A 653 -8.62 12.08 4.93
N VAL A 654 -9.34 12.70 5.86
CA VAL A 654 -9.88 14.04 5.66
C VAL A 654 -8.78 15.06 5.99
N ASN A 655 -8.48 15.93 5.03
CA ASN A 655 -7.48 16.96 5.22
C ASN A 655 -8.02 18.10 6.09
N PRO A 656 -7.15 18.81 6.80
CA PRO A 656 -7.60 19.95 7.61
C PRO A 656 -8.07 21.10 6.73
N LEU A 657 -8.59 22.12 7.40
CA LEU A 657 -9.05 23.33 6.70
C LEU A 657 -7.89 23.99 5.96
N THR A 658 -8.03 24.09 4.64
CA THR A 658 -6.97 24.60 3.78
C THR A 658 -7.48 25.80 2.99
N GLY A 659 -6.67 26.85 2.92
CA GLY A 659 -7.00 28.01 2.13
C GLY A 659 -5.81 28.53 1.34
N VAL A 660 -6.02 28.80 0.05
CA VAL A 660 -4.97 29.32 -0.82
C VAL A 660 -5.42 30.67 -1.34
N PHE A 661 -4.63 31.71 -1.08
CA PHE A 661 -4.93 33.08 -1.48
C PHE A 661 -3.81 33.61 -2.36
N GLY A 662 -4.19 34.32 -3.42
CA GLY A 662 -3.22 34.77 -4.40
C GLY A 662 -3.38 36.25 -4.73
N LEU A 663 -2.25 36.88 -5.01
CA LEU A 663 -2.20 38.24 -5.55
C LEU A 663 -1.36 38.19 -6.83
N GLY A 664 -2.01 38.38 -7.97
CA GLY A 664 -1.35 38.20 -9.24
C GLY A 664 -1.52 39.40 -10.15
N TYR A 665 -0.60 39.52 -11.09
CA TYR A 665 -0.62 40.56 -12.11
C TYR A 665 -0.39 39.94 -13.47
N ASP A 666 -1.10 40.44 -14.48
CA ASP A 666 -0.92 40.02 -15.86
C ASP A 666 -0.82 41.25 -16.75
N GLU A 667 0.14 41.23 -17.67
CA GLU A 667 0.30 42.34 -18.59
C GLU A 667 -0.86 42.35 -19.60
N ALA A 668 -1.10 43.52 -20.17
CA ALA A 668 -2.25 43.67 -21.07
C ALA A 668 -2.14 42.75 -22.28
N ASP A 669 -0.96 42.65 -22.87
CA ASP A 669 -0.72 41.78 -24.01
C ASP A 669 -0.20 40.41 -23.62
N GLY A 670 -0.10 40.13 -22.31
CA GLY A 670 0.40 38.84 -21.87
C GLY A 670 1.89 38.66 -22.00
N ASN A 671 2.65 39.75 -22.09
CA ASN A 671 4.10 39.65 -22.25
C ASN A 671 4.77 39.13 -21.00
N TYR A 672 4.25 39.49 -19.83
CA TYR A 672 4.83 39.05 -18.56
C TYR A 672 3.76 39.09 -17.50
N GLY A 673 4.05 38.44 -16.37
CA GLY A 673 3.12 38.43 -15.25
C GLY A 673 3.67 37.58 -14.13
N GLY A 674 2.91 37.52 -13.05
CA GLY A 674 3.33 36.77 -11.89
C GLY A 674 2.21 36.62 -10.90
N LEU A 675 2.36 35.65 -10.01
CA LEU A 675 1.37 35.38 -8.98
C LEU A 675 2.06 35.12 -7.66
N LEU A 676 1.57 35.76 -6.59
CA LEU A 676 2.05 35.52 -5.24
C LEU A 676 1.00 34.70 -4.50
N SER A 677 1.39 33.52 -4.03
CA SER A 677 0.46 32.57 -3.43
C SER A 677 0.70 32.47 -1.93
N TRP A 678 -0.39 32.38 -1.17
CA TRP A 678 -0.35 32.25 0.28
C TRP A 678 -1.23 31.06 0.67
N THR A 679 -0.63 30.00 1.18
CA THR A 679 -1.35 28.80 1.58
C THR A 679 -1.43 28.75 3.10
N LEU A 680 -2.65 28.67 3.63
CA LEU A 680 -2.90 28.56 5.05
C LEU A 680 -3.64 27.27 5.33
N VAL A 681 -3.11 26.47 6.25
CA VAL A 681 -3.69 25.17 6.60
C VAL A 681 -3.82 25.10 8.12
N LYS A 682 -4.95 24.59 8.59
CA LYS A 682 -5.23 24.45 10.01
C LYS A 682 -4.55 23.21 10.58
N ARG A 683 -4.35 23.21 11.89
CA ARG A 683 -3.85 22.04 12.58
C ARG A 683 -4.87 20.90 12.53
N LYS A 684 -4.38 19.69 12.30
CA LYS A 684 -5.26 18.52 12.28
C LYS A 684 -5.77 18.21 13.68
N ASP A 685 -7.07 18.03 13.82
CA ASP A 685 -7.68 17.82 15.13
C ASP A 685 -8.40 16.48 15.24
N ARG A 686 -9.30 16.17 14.32
CA ARG A 686 -10.15 14.97 14.42
C ARG A 686 -9.40 13.78 13.85
N VAL A 687 -8.77 13.00 14.72
CA VAL A 687 -7.95 11.87 14.33
C VAL A 687 -8.44 10.62 15.04
N ASP A 688 -8.61 9.53 14.29
CA ASP A 688 -8.89 8.22 14.86
C ASP A 688 -7.57 7.59 15.26
N ASP A 689 -7.36 7.46 16.58
CA ASP A 689 -6.08 6.98 17.08
C ASP A 689 -5.84 5.51 16.73
N SER A 690 -6.90 4.69 16.69
CA SER A 690 -6.73 3.27 16.43
C SER A 690 -6.20 3.01 15.02
N THR A 691 -6.70 3.74 14.02
CA THR A 691 -6.33 3.51 12.64
C THR A 691 -5.16 4.39 12.18
N PHE A 692 -4.67 5.29 13.02
CA PHE A 692 -3.54 6.14 12.67
C PHE A 692 -2.30 5.60 13.36
N HIS A 693 -1.26 5.34 12.57
CA HIS A 693 0.02 4.87 13.07
C HIS A 693 1.05 5.98 12.86
N THR A 694 1.66 6.43 13.95
CA THR A 694 2.65 7.49 13.85
C THR A 694 3.86 7.00 13.07
N PRO A 695 4.41 7.83 12.18
CA PRO A 695 5.52 7.36 11.32
C PRO A 695 6.74 6.90 12.08
N ASP A 696 7.07 7.53 13.20
CA ASP A 696 8.24 7.15 13.98
C ASP A 696 8.02 5.92 14.83
N GLY A 697 6.77 5.51 15.05
CA GLY A 697 6.47 4.32 15.80
C GLY A 697 6.45 4.49 17.31
N THR A 698 6.73 5.69 17.82
CA THR A 698 6.77 5.92 19.25
C THR A 698 5.36 5.98 19.82
N ALA A 699 5.27 6.08 21.15
CA ALA A 699 3.98 6.13 21.82
C ALA A 699 3.20 7.39 21.46
N SER A 700 3.87 8.53 21.39
CA SER A 700 3.20 9.79 21.06
C SER A 700 2.79 9.81 19.59
N GLN A 701 1.56 10.27 19.34
CA GLN A 701 1.04 10.40 17.99
C GLN A 701 1.22 11.85 17.53
N PHE A 702 1.71 12.01 16.30
CA PHE A 702 2.03 13.32 15.75
C PHE A 702 0.85 13.82 14.92
N LYS A 703 0.34 15.00 15.28
CA LYS A 703 -0.65 15.71 14.47
C LYS A 703 0.04 16.90 13.82
N THR A 704 -0.22 17.10 12.53
CA THR A 704 0.42 18.17 11.80
C THR A 704 -0.05 19.52 12.34
N PRO A 705 0.85 20.46 12.59
CA PRO A 705 0.45 21.79 13.05
C PRO A 705 -0.09 22.63 11.90
N GLY A 706 -0.59 23.81 12.26
CA GLY A 706 -0.94 24.79 11.26
C GLY A 706 0.28 25.53 10.73
N PHE A 707 0.15 26.05 9.52
CA PHE A 707 1.28 26.74 8.90
C PHE A 707 0.78 27.71 7.84
N GLY A 708 1.67 28.60 7.43
CA GLY A 708 1.45 29.48 6.32
C GLY A 708 2.70 29.66 5.51
N VAL A 709 2.63 29.42 4.19
CA VAL A 709 3.79 29.48 3.32
C VAL A 709 3.51 30.42 2.16
N LEU A 710 4.57 31.02 1.61
CA LEU A 710 4.49 31.95 0.47
C LEU A 710 5.24 31.37 -0.73
N ASP A 711 4.68 31.53 -1.92
CA ASP A 711 5.28 31.06 -3.19
C ASP A 711 5.11 32.17 -4.22
N LEU A 712 6.09 32.43 -5.07
CA LEU A 712 6.01 33.44 -6.15
C LEU A 712 6.29 32.80 -7.50
N SER A 713 5.39 32.97 -8.45
CA SER A 713 5.57 32.50 -9.82
C SER A 713 5.72 33.74 -10.68
N ALA A 714 6.48 33.65 -11.75
CA ALA A 714 6.60 34.75 -12.72
C ALA A 714 6.74 34.14 -14.08
N TYR A 715 6.52 34.94 -15.10
CA TYR A 715 6.64 34.47 -16.51
C TYR A 715 7.02 35.65 -17.37
N TYR A 716 7.97 35.48 -18.25
CA TYR A 716 8.33 36.51 -19.24
C TYR A 716 8.42 35.90 -20.64
N ARG A 717 7.99 36.61 -21.68
CA ARG A 717 8.18 36.24 -23.08
C ARG A 717 9.49 36.84 -23.57
N LEU A 718 10.53 36.01 -23.64
CA LEU A 718 11.80 36.46 -24.18
C LEU A 718 11.67 36.83 -25.66
N SER A 719 10.91 36.04 -26.40
CA SER A 719 10.58 36.32 -27.79
C SER A 719 9.11 35.98 -27.99
N LYS A 720 8.65 36.10 -29.24
CA LYS A 720 7.29 35.69 -29.57
C LYS A 720 7.12 34.17 -29.57
N ASP A 721 8.22 33.41 -29.49
CA ASP A 721 8.17 31.97 -29.43
C ASP A 721 8.77 31.38 -28.16
N LEU A 722 9.55 32.15 -27.41
CA LEU A 722 10.27 31.66 -26.24
C LEU A 722 9.67 32.28 -24.98
N THR A 723 9.22 31.44 -24.06
CA THR A 723 8.62 31.89 -22.81
C THR A 723 9.38 31.27 -21.64
N LEU A 724 9.72 32.10 -20.66
CA LEU A 724 10.45 31.68 -19.47
C LEU A 724 9.47 31.63 -18.30
N ASN A 725 9.24 30.44 -17.76
CA ASN A 725 8.37 30.25 -16.60
C ASN A 725 9.24 29.91 -15.40
N ALA A 726 9.13 30.71 -14.35
CA ALA A 726 9.91 30.52 -13.13
C ALA A 726 9.00 30.58 -11.91
N GLY A 727 9.39 29.84 -10.88
CA GLY A 727 8.63 29.83 -9.64
C GLY A 727 9.50 29.60 -8.43
N LEU A 728 9.28 30.40 -7.37
CA LEU A 728 10.00 30.27 -6.13
C LEU A 728 9.02 29.81 -5.05
N TYR A 729 9.37 28.74 -4.35
CA TYR A 729 8.47 28.09 -3.42
C TYR A 729 9.07 28.11 -2.01
N ASN A 730 8.18 28.21 -1.02
CA ASN A 730 8.56 28.24 0.40
C ASN A 730 9.54 29.38 0.67
N LEU A 731 9.06 30.60 0.45
CA LEU A 731 9.93 31.78 0.49
C LEU A 731 10.55 31.98 1.87
N THR A 732 9.77 31.73 2.93
CA THR A 732 10.27 31.91 4.29
C THR A 732 11.04 30.71 4.82
N ASP A 733 11.16 29.65 4.03
CA ASP A 733 11.91 28.45 4.42
C ASP A 733 11.37 27.87 5.72
N LYS A 734 10.06 27.62 5.75
CA LYS A 734 9.41 27.08 6.93
C LYS A 734 9.37 25.56 6.87
N LYS A 735 9.59 24.93 8.03
CA LYS A 735 9.44 23.49 8.15
C LYS A 735 8.00 23.16 8.50
N TYR A 736 7.31 22.48 7.58
CA TYR A 736 5.90 22.17 7.76
C TYR A 736 5.60 20.82 7.12
N TRP A 737 4.48 20.24 7.52
CA TRP A 737 4.05 18.94 7.06
C TRP A 737 2.66 19.04 6.44
N LEU A 738 2.43 18.19 5.44
CA LEU A 738 1.09 17.97 4.89
C LEU A 738 0.50 16.73 5.54
N TRP A 739 -0.77 16.84 5.95
CA TRP A 739 -1.40 15.77 6.70
C TRP A 739 -1.47 14.48 5.88
N ASP A 740 -1.76 14.59 4.59
CA ASP A 740 -1.89 13.39 3.75
C ASP A 740 -0.58 12.60 3.71
N ASP A 741 0.56 13.29 3.76
CA ASP A 741 1.84 12.59 3.79
C ASP A 741 2.06 11.86 5.11
N VAL A 742 1.59 12.44 6.21
CA VAL A 742 1.85 11.87 7.52
C VAL A 742 0.90 10.72 7.83
N ARG A 743 -0.39 10.91 7.57
CA ARG A 743 -1.37 9.88 7.90
C ARG A 743 -1.25 8.67 6.98
N GLY A 744 -0.73 8.86 5.77
CA GLY A 744 -0.64 7.78 4.81
C GLY A 744 0.68 7.05 4.76
N TYR A 745 1.68 7.46 5.55
CA TYR A 745 2.98 6.81 5.50
C TYR A 745 2.90 5.35 5.95
N ASP A 746 2.19 5.09 7.03
CA ASP A 746 2.07 3.75 7.61
C ASP A 746 0.60 3.36 7.59
N SER A 747 0.18 2.70 6.50
CA SER A 747 -1.23 2.39 6.32
C SER A 747 -1.68 1.25 7.23
N VAL A 748 -0.87 0.20 7.36
CA VAL A 748 -1.27 -0.98 8.11
C VAL A 748 -0.54 -1.12 9.44
N GLY A 749 0.54 -0.38 9.66
CA GLY A 749 1.30 -0.47 10.89
C GLY A 749 2.58 -1.28 10.79
N GLU A 750 2.81 -1.96 9.66
CA GLU A 750 4.02 -2.75 9.50
C GLU A 750 5.26 -1.89 9.31
N ALA A 751 5.11 -0.67 8.78
CA ALA A 751 6.25 0.19 8.53
C ALA A 751 6.84 0.77 9.81
N SER A 752 6.07 0.82 10.89
CA SER A 752 6.60 1.38 12.14
C SER A 752 7.78 0.56 12.66
N ALA A 753 7.85 -0.73 12.30
CA ALA A 753 8.94 -1.58 12.74
C ALA A 753 9.95 -1.87 11.64
N LEU A 754 9.52 -1.95 10.38
CA LEU A 754 10.38 -2.38 9.29
C LEU A 754 10.97 -1.23 8.48
N ALA A 755 10.27 -0.09 8.39
CA ALA A 755 10.77 1.07 7.68
C ALA A 755 10.18 2.34 8.29
N PRO A 756 10.62 2.70 9.49
CA PRO A 756 10.06 3.87 10.16
C PRO A 756 10.57 5.16 9.53
N ALA A 757 9.91 6.26 9.89
CA ALA A 757 10.25 7.57 9.37
C ALA A 757 10.45 8.56 10.51
N ASN A 758 11.60 9.22 10.53
CA ASN A 758 11.75 10.42 11.34
C ASN A 758 10.73 11.45 10.88
N ILE A 759 10.10 12.13 11.84
CA ILE A 759 9.00 13.03 11.49
C ILE A 759 9.49 14.17 10.61
N ASP A 760 10.77 14.53 10.71
CA ASP A 760 11.32 15.57 9.87
C ASP A 760 11.61 15.08 8.46
N ARG A 761 11.71 13.76 8.24
CA ARG A 761 11.92 13.24 6.90
C ARG A 761 10.67 13.31 6.05
N LEU A 762 9.49 13.38 6.67
CA LEU A 762 8.24 13.55 5.95
C LEU A 762 7.82 15.01 5.76
N SER A 763 8.65 15.95 6.20
CA SER A 763 8.33 17.36 6.06
C SER A 763 8.46 17.79 4.61
N GLN A 764 7.76 18.87 4.26
CA GLN A 764 7.85 19.42 2.92
C GLN A 764 9.20 20.06 2.63
N PRO A 765 9.59 20.16 1.36
CA PRO A 765 10.89 20.74 1.03
C PRO A 765 10.99 22.20 1.45
N GLY A 766 12.21 22.63 1.76
CA GLY A 766 12.48 24.00 2.12
C GLY A 766 12.40 24.95 0.95
N ARG A 767 13.06 26.10 1.05
CA ARG A 767 13.04 27.07 -0.05
C ARG A 767 13.65 26.45 -1.29
N ASN A 768 12.92 26.53 -2.40
CA ASN A 768 13.35 25.92 -3.65
C ASN A 768 12.76 26.70 -4.82
N PHE A 769 13.33 26.49 -5.99
CA PHE A 769 12.89 27.17 -7.20
C PHE A 769 12.75 26.17 -8.34
N ALA A 770 11.90 26.51 -9.29
CA ALA A 770 11.73 25.73 -10.52
C ALA A 770 11.65 26.69 -11.69
N VAL A 771 12.37 26.37 -12.75
CA VAL A 771 12.40 27.19 -13.96
C VAL A 771 12.30 26.28 -15.17
N ASN A 772 11.48 26.68 -16.14
CA ASN A 772 11.38 25.96 -17.40
C ASN A 772 11.36 26.96 -18.55
N LEU A 773 11.83 26.50 -19.71
CA LEU A 773 11.88 27.31 -20.92
C LEU A 773 11.13 26.56 -22.02
N VAL A 774 10.10 27.18 -22.58
CA VAL A 774 9.25 26.55 -23.64
C VAL A 774 9.43 27.30 -24.96
N TRP A 775 9.84 26.63 -26.03
CA TRP A 775 10.07 27.20 -27.37
C TRP A 775 9.00 26.68 -28.32
N ASP A 776 8.01 27.49 -28.67
CA ASP A 776 6.89 27.11 -29.57
C ASP A 776 7.23 27.60 -30.97
N ILE A 777 7.91 26.79 -31.75
CA ILE A 777 8.33 27.11 -33.13
C ILE A 777 7.16 26.85 -34.11
N ILE B 2 27.14 -17.91 17.08
CA ILE B 2 26.83 -19.32 16.87
C ILE B 2 25.97 -19.84 18.02
N SER B 3 26.21 -19.32 19.22
CA SER B 3 25.45 -19.66 20.42
C SER B 3 24.74 -18.40 20.90
N GLU B 4 23.45 -18.30 20.61
CA GLU B 4 22.71 -17.07 20.92
C GLU B 4 22.59 -16.86 22.41
N VAL B 5 22.14 -17.87 23.15
CA VAL B 5 21.89 -17.75 24.57
C VAL B 5 22.46 -18.96 25.30
N GLN B 6 22.70 -18.78 26.59
CA GLN B 6 23.05 -19.88 27.50
C GLN B 6 22.07 -19.83 28.66
N LEU B 7 21.34 -20.94 28.87
CA LEU B 7 20.30 -21.01 29.88
C LEU B 7 20.79 -21.83 31.06
N VAL B 8 20.62 -21.29 32.26
CA VAL B 8 20.99 -21.96 33.50
C VAL B 8 19.79 -21.93 34.45
N GLU B 9 19.37 -23.10 34.92
CA GLU B 9 18.30 -23.19 35.89
C GLU B 9 18.86 -23.26 37.31
N SER B 10 18.10 -22.73 38.26
CA SER B 10 18.49 -22.76 39.65
C SER B 10 17.24 -22.68 40.52
N GLY B 11 17.33 -23.14 41.76
CA GLY B 11 16.20 -23.03 42.69
C GLY B 11 15.54 -24.36 42.96
N GLY B 12 16.18 -25.47 42.59
CA GLY B 12 15.56 -26.79 42.73
C GLY B 12 16.07 -27.50 43.96
N GLY B 13 15.25 -28.32 44.59
CA GLY B 13 15.67 -28.95 45.86
C GLY B 13 14.57 -29.72 46.53
N LEU B 14 14.79 -30.08 47.79
CA LEU B 14 13.79 -30.88 48.54
C LEU B 14 12.79 -29.97 49.22
N VAL B 15 11.57 -29.91 48.69
CA VAL B 15 10.48 -29.16 49.35
C VAL B 15 9.51 -30.20 49.90
N GLN B 16 9.08 -30.03 51.15
CA GLN B 16 8.09 -30.99 51.74
C GLN B 16 6.73 -30.74 51.10
N PRO B 17 5.96 -31.82 50.80
CA PRO B 17 4.66 -31.71 50.11
C PRO B 17 3.70 -30.60 50.58
N GLY B 18 3.08 -29.88 49.63
CA GLY B 18 2.22 -28.77 49.97
C GLY B 18 2.93 -27.44 50.08
N GLY B 19 4.25 -27.41 49.93
CA GLY B 19 5.02 -26.19 50.08
C GLY B 19 5.20 -25.45 48.77
N SER B 20 6.13 -24.50 48.79
CA SER B 20 6.37 -23.61 47.67
C SER B 20 7.85 -23.63 47.29
N LEU B 21 8.12 -23.31 46.03
CA LEU B 21 9.48 -23.28 45.53
C LEU B 21 9.52 -22.35 44.32
N ARG B 22 10.61 -21.57 44.20
CA ARG B 22 10.79 -20.64 43.10
C ARG B 22 11.97 -21.08 42.25
N LEU B 23 11.74 -21.25 40.95
CA LEU B 23 12.77 -21.63 40.01
C LEU B 23 13.13 -20.43 39.13
N SER B 24 14.43 -20.21 38.95
CA SER B 24 14.92 -19.11 38.13
C SER B 24 15.68 -19.66 36.93
N CYS B 25 15.58 -18.97 35.80
CA CYS B 25 16.24 -19.35 34.56
C CYS B 25 17.04 -18.15 34.06
N ALA B 26 18.33 -18.11 34.40
CA ALA B 26 19.20 -17.03 33.98
C ALA B 26 19.70 -17.28 32.57
N ALA B 27 19.53 -16.30 31.69
CA ALA B 27 19.94 -16.40 30.30
C ALA B 27 21.15 -15.50 30.05
N SER B 28 22.21 -16.08 29.48
CA SER B 28 23.40 -15.35 29.11
C SER B 28 23.44 -15.22 27.59
N GLY B 29 23.50 -13.98 27.10
CA GLY B 29 23.49 -13.71 25.68
C GLY B 29 22.37 -12.74 25.30
N PHE B 30 21.72 -13.02 24.18
CA PHE B 30 20.68 -12.14 23.68
C PHE B 30 19.43 -12.21 24.57
N ASN B 31 18.77 -11.07 24.71
CA ASN B 31 17.57 -11.00 25.52
C ASN B 31 16.41 -11.72 24.84
N PHE B 32 15.57 -12.37 25.63
CA PHE B 32 14.42 -13.11 25.12
C PHE B 32 13.12 -12.33 25.22
N TYR B 33 13.19 -10.99 25.13
CA TYR B 33 11.98 -10.19 25.20
C TYR B 33 11.02 -10.51 24.06
N TYR B 34 11.56 -10.74 22.86
CA TYR B 34 10.75 -11.08 21.71
C TYR B 34 10.63 -12.57 21.48
N TYR B 35 11.19 -13.39 22.36
CA TYR B 35 11.10 -14.84 22.28
C TYR B 35 10.06 -15.35 23.28
N SER B 36 9.93 -16.67 23.35
CA SER B 36 9.08 -17.34 24.32
C SER B 36 9.93 -18.29 25.16
N ILE B 37 9.82 -18.17 26.47
CA ILE B 37 10.50 -19.05 27.40
C ILE B 37 9.53 -20.11 27.88
N HIS B 38 9.95 -21.37 27.82
CA HIS B 38 9.11 -22.49 28.19
C HIS B 38 9.75 -23.27 29.33
N TRP B 39 8.91 -23.81 30.21
CA TRP B 39 9.33 -24.74 31.24
C TRP B 39 8.84 -26.12 30.88
N VAL B 40 9.75 -27.09 30.86
CA VAL B 40 9.43 -28.48 30.55
C VAL B 40 10.04 -29.36 31.65
N ARG B 41 9.22 -30.24 32.22
CA ARG B 41 9.67 -31.12 33.28
C ARG B 41 9.61 -32.57 32.81
N GLN B 42 10.52 -33.38 33.36
CA GLN B 42 10.58 -34.80 33.04
C GLN B 42 10.66 -35.58 34.34
N ALA B 43 9.59 -36.29 34.68
CA ALA B 43 9.59 -37.12 35.87
C ALA B 43 10.55 -38.29 35.70
N PRO B 44 11.10 -38.82 36.79
CA PRO B 44 12.07 -39.93 36.69
C PRO B 44 11.47 -41.13 35.96
N GLY B 45 12.12 -41.51 34.86
CA GLY B 45 11.68 -42.64 34.08
C GLY B 45 10.54 -42.37 33.13
N LYS B 46 10.13 -41.12 32.97
CA LYS B 46 9.00 -40.75 32.12
C LYS B 46 9.46 -39.80 31.03
N GLY B 47 8.49 -39.30 30.25
CA GLY B 47 8.76 -38.44 29.14
C GLY B 47 8.70 -36.96 29.49
N LEU B 48 8.85 -36.13 28.47
CA LEU B 48 8.83 -34.69 28.63
C LEU B 48 7.39 -34.18 28.69
N GLU B 49 7.16 -33.19 29.56
CA GLU B 49 5.84 -32.60 29.71
C GLU B 49 5.97 -31.09 29.79
N TRP B 50 5.33 -30.39 28.85
CA TRP B 50 5.29 -28.94 28.89
C TRP B 50 4.35 -28.48 30.00
N VAL B 51 4.80 -27.52 30.80
CA VAL B 51 4.04 -27.06 31.96
C VAL B 51 3.64 -25.60 31.86
N ALA B 52 4.53 -24.73 31.36
CA ALA B 52 4.26 -23.31 31.37
C ALA B 52 5.07 -22.62 30.28
N SER B 53 4.68 -21.38 29.97
CA SER B 53 5.38 -20.56 28.99
C SER B 53 5.09 -19.09 29.27
N ILE B 54 6.05 -18.25 28.93
CA ILE B 54 5.94 -16.80 29.10
C ILE B 54 6.39 -16.12 27.82
N SER B 55 5.61 -15.15 27.37
CA SER B 55 5.96 -14.33 26.20
C SER B 55 6.10 -12.88 26.65
N PRO B 56 7.32 -12.40 26.92
CA PRO B 56 7.48 -11.06 27.50
C PRO B 56 6.94 -9.94 26.63
N TYR B 57 7.01 -10.06 25.30
CA TYR B 57 6.57 -8.99 24.42
C TYR B 57 5.07 -8.75 24.55
N TYR B 58 4.29 -9.82 24.55
CA TYR B 58 2.84 -9.72 24.70
C TYR B 58 2.39 -9.74 26.16
N GLY B 59 3.26 -10.13 27.08
CA GLY B 59 2.86 -10.28 28.47
C GLY B 59 1.99 -11.48 28.74
N SER B 60 1.83 -12.38 27.78
CA SER B 60 0.94 -13.52 27.91
C SER B 60 1.64 -14.67 28.61
N THR B 61 0.87 -15.38 29.44
CA THR B 61 1.34 -16.57 30.15
C THR B 61 0.43 -17.73 29.80
N TYR B 62 1.02 -18.93 29.72
CA TYR B 62 0.28 -20.14 29.43
C TYR B 62 0.69 -21.24 30.41
N TYR B 63 -0.26 -22.11 30.72
CA TYR B 63 -0.02 -23.18 31.68
C TYR B 63 -0.72 -24.45 31.20
N ALA B 64 -0.18 -25.59 31.63
CA ALA B 64 -0.86 -26.85 31.44
C ALA B 64 -1.99 -27.01 32.45
N ASP B 65 -2.90 -27.93 32.17
CA ASP B 65 -4.03 -28.16 33.08
C ASP B 65 -3.55 -28.73 34.41
N SER B 66 -2.51 -29.57 34.40
CA SER B 66 -2.04 -30.20 35.61
C SER B 66 -1.40 -29.22 36.58
N VAL B 67 -0.98 -28.05 36.11
CA VAL B 67 -0.34 -27.05 36.95
C VAL B 67 -1.09 -25.73 36.97
N LYS B 68 -2.28 -25.69 36.35
CA LYS B 68 -3.04 -24.45 36.27
C LYS B 68 -3.48 -24.00 37.67
N GLY B 69 -3.29 -22.72 37.96
CA GLY B 69 -3.66 -22.15 39.23
C GLY B 69 -2.61 -22.28 40.32
N ARG B 70 -1.81 -23.35 40.29
CA ARG B 70 -0.79 -23.57 41.31
C ARG B 70 0.55 -22.96 40.94
N PHE B 71 0.90 -22.93 39.65
CA PHE B 71 2.18 -22.42 39.20
C PHE B 71 2.02 -21.03 38.61
N THR B 72 3.01 -20.18 38.82
CA THR B 72 3.03 -18.83 38.28
C THR B 72 4.35 -18.62 37.56
N ILE B 73 4.28 -18.11 36.33
CA ILE B 73 5.47 -17.87 35.51
C ILE B 73 5.61 -16.37 35.30
N SER B 74 6.85 -15.89 35.39
CA SER B 74 7.13 -14.46 35.25
C SER B 74 8.51 -14.29 34.64
N ALA B 75 8.76 -13.07 34.15
CA ALA B 75 10.05 -12.74 33.55
C ALA B 75 10.45 -11.35 34.01
N ASP B 76 11.75 -11.09 33.98
CA ASP B 76 12.31 -9.80 34.39
C ASP B 76 12.64 -8.90 33.22
N THR B 77 13.37 -9.43 32.23
CA THR B 77 13.72 -8.74 30.99
C THR B 77 14.76 -7.65 31.23
N SER B 78 15.09 -7.39 32.49
CA SER B 78 16.22 -6.55 32.85
C SER B 78 17.43 -7.38 33.26
N LYS B 79 17.20 -8.44 34.03
CA LYS B 79 18.23 -9.43 34.34
C LYS B 79 18.27 -10.57 33.33
N ASN B 80 17.38 -10.53 32.32
CA ASN B 80 17.26 -11.59 31.32
C ASN B 80 17.04 -12.95 31.99
N THR B 81 16.17 -12.96 33.00
CA THR B 81 15.91 -14.14 33.81
C THR B 81 14.42 -14.43 33.85
N ALA B 82 14.05 -15.69 33.70
CA ALA B 82 12.69 -16.16 33.81
C ALA B 82 12.50 -16.86 35.15
N TYR B 83 11.29 -16.74 35.70
CA TYR B 83 10.98 -17.31 37.00
C TYR B 83 9.74 -18.19 36.90
N LEU B 84 9.72 -19.26 37.69
CA LEU B 84 8.59 -20.16 37.79
C LEU B 84 8.26 -20.35 39.26
N GLN B 85 7.19 -19.73 39.72
CA GLN B 85 6.75 -19.84 41.10
C GLN B 85 5.80 -21.04 41.23
N MET B 86 6.22 -22.04 41.99
CA MET B 86 5.47 -23.27 42.16
C MET B 86 4.91 -23.32 43.58
N ASN B 87 3.59 -23.43 43.69
CA ASN B 87 2.90 -23.46 44.96
C ASN B 87 2.03 -24.71 45.05
N SER B 88 1.72 -25.11 46.28
CA SER B 88 0.89 -26.27 46.56
C SER B 88 1.45 -27.53 45.88
N LEU B 89 2.73 -27.77 46.10
CA LEU B 89 3.42 -28.86 45.42
C LEU B 89 2.93 -30.21 45.92
N ARG B 90 2.78 -31.14 45.01
CA ARG B 90 2.35 -32.50 45.30
C ARG B 90 3.45 -33.49 44.93
N ALA B 91 3.27 -34.73 45.36
CA ALA B 91 4.25 -35.77 45.08
C ALA B 91 4.37 -36.10 43.60
N GLU B 92 3.42 -35.67 42.78
CA GLU B 92 3.48 -35.87 41.34
C GLU B 92 4.24 -34.76 40.62
N ASP B 93 4.72 -33.75 41.35
CA ASP B 93 5.46 -32.64 40.75
C ASP B 93 6.96 -32.86 40.78
N THR B 94 7.45 -33.97 41.34
CA THR B 94 8.88 -34.23 41.37
C THR B 94 9.35 -34.61 39.97
N ALA B 95 10.35 -33.88 39.48
CA ALA B 95 10.83 -34.04 38.11
C ALA B 95 12.11 -33.22 37.96
N VAL B 96 12.67 -33.25 36.76
CA VAL B 96 13.76 -32.36 36.37
C VAL B 96 13.14 -31.29 35.48
N TYR B 97 13.15 -30.05 35.95
CA TYR B 97 12.54 -28.95 35.24
C TYR B 97 13.54 -28.28 34.31
N TYR B 98 13.20 -28.20 33.03
CA TYR B 98 14.05 -27.62 32.01
C TYR B 98 13.52 -26.27 31.58
N CYS B 99 14.43 -25.33 31.36
CA CYS B 99 14.10 -24.03 30.79
C CYS B 99 14.57 -24.01 29.34
N ALA B 100 13.64 -23.68 28.43
CA ALA B 100 13.93 -23.72 27.01
C ALA B 100 13.46 -22.43 26.34
N ARG B 101 14.19 -22.01 25.31
CA ARG B 101 13.86 -20.83 24.54
C ARG B 101 13.40 -21.27 23.15
N SER B 102 12.30 -20.70 22.68
CA SER B 102 11.76 -21.05 21.38
C SER B 102 12.63 -20.50 20.26
N MET B 103 12.71 -21.26 19.16
CA MET B 103 13.39 -20.76 17.97
C MET B 103 12.65 -19.57 17.37
N ASN B 104 11.33 -19.67 17.30
CA ASN B 104 10.52 -18.59 16.73
C ASN B 104 10.53 -17.37 17.64
N TRP B 105 10.55 -16.19 17.04
CA TRP B 105 10.46 -14.94 17.78
C TRP B 105 9.77 -13.91 16.90
N TYR B 106 9.57 -12.71 17.47
CA TYR B 106 8.67 -11.74 16.87
C TYR B 106 9.14 -11.28 15.49
N TYR B 107 10.44 -11.01 15.34
CA TYR B 107 10.97 -10.43 14.12
C TYR B 107 11.56 -11.47 13.18
N SER B 108 11.37 -12.76 13.47
CA SER B 108 11.83 -13.79 12.55
C SER B 108 10.99 -13.77 11.28
N SER B 109 11.63 -14.10 10.16
CA SER B 109 10.94 -14.14 8.88
C SER B 109 9.95 -15.30 8.87
N PRO B 110 8.69 -15.07 8.49
CA PRO B 110 7.73 -16.18 8.42
C PRO B 110 8.11 -17.27 7.43
N TYR B 111 8.93 -16.95 6.42
CA TYR B 111 9.39 -17.95 5.47
C TYR B 111 10.53 -18.80 6.02
N GLY B 112 11.12 -18.42 7.15
CA GLY B 112 12.11 -19.25 7.81
C GLY B 112 11.56 -20.45 8.53
N MET B 113 10.24 -20.48 8.77
CA MET B 113 9.55 -21.63 9.34
C MET B 113 10.09 -22.00 10.72
N SER B 114 10.49 -21.02 11.51
CA SER B 114 11.05 -21.29 12.83
C SER B 114 9.97 -21.84 13.76
N GLN B 115 10.30 -22.93 14.45
CA GLN B 115 9.36 -23.60 15.33
C GLN B 115 10.14 -24.47 16.31
N GLY B 116 9.56 -24.67 17.49
CA GLY B 116 10.19 -25.47 18.51
C GLY B 116 11.18 -24.70 19.35
N MET B 117 11.81 -25.41 20.28
CA MET B 117 12.81 -24.84 21.17
C MET B 117 14.18 -25.34 20.76
N ASP B 118 15.10 -24.41 20.52
CA ASP B 118 16.44 -24.74 20.08
C ASP B 118 17.50 -24.58 21.16
N TYR B 119 17.18 -23.94 22.27
CA TYR B 119 18.11 -23.76 23.38
C TYR B 119 17.48 -24.27 24.66
N TRP B 120 18.22 -25.07 25.41
CA TRP B 120 17.75 -25.69 26.63
C TRP B 120 18.77 -25.51 27.73
N GLY B 121 18.28 -25.44 28.97
CA GLY B 121 19.16 -25.46 30.12
C GLY B 121 19.52 -26.88 30.54
N GLN B 122 20.41 -26.97 31.52
CA GLN B 122 20.82 -28.29 32.03
C GLN B 122 19.75 -28.92 32.90
N GLY B 123 18.82 -28.13 33.42
CA GLY B 123 17.74 -28.67 34.25
C GLY B 123 18.09 -28.68 35.73
N THR B 124 17.08 -28.51 36.55
CA THR B 124 17.20 -28.60 38.00
C THR B 124 16.22 -29.63 38.53
N LEU B 125 16.67 -30.43 39.49
CA LEU B 125 15.86 -31.47 40.08
C LEU B 125 15.06 -30.90 41.24
N VAL B 126 13.74 -31.07 41.19
CA VAL B 126 12.84 -30.71 42.28
C VAL B 126 12.28 -31.99 42.86
N THR B 127 12.49 -32.19 44.16
CA THR B 127 12.00 -33.36 44.88
C THR B 127 10.95 -32.91 45.89
N VAL B 128 9.77 -33.49 45.81
CA VAL B 128 8.67 -33.10 46.70
C VAL B 128 8.51 -34.13 47.81
N ASP C 2 -5.92 -30.57 25.16
CA ASP C 2 -6.68 -30.45 23.88
C ASP C 2 -6.13 -31.45 22.86
N ILE C 3 -5.03 -31.09 22.18
CA ILE C 3 -4.45 -31.99 21.14
C ILE C 3 -3.56 -33.04 21.79
N GLN C 4 -3.49 -34.23 21.21
CA GLN C 4 -2.64 -35.32 21.68
C GLN C 4 -1.79 -35.83 20.54
N MET C 5 -0.56 -36.21 20.85
CA MET C 5 0.37 -36.76 19.86
C MET C 5 0.74 -38.18 20.29
N THR C 6 0.34 -39.16 19.49
CA THR C 6 0.62 -40.57 19.78
C THR C 6 1.83 -41.00 18.98
N GLN C 7 2.91 -41.34 19.69
CA GLN C 7 4.18 -41.69 19.06
C GLN C 7 4.38 -43.20 19.13
N SER C 8 4.66 -43.80 17.99
CA SER C 8 4.89 -45.24 17.91
C SER C 8 6.14 -45.52 17.09
N PRO C 9 6.93 -46.58 17.37
CA PRO C 9 6.77 -47.40 18.57
C PRO C 9 7.29 -46.76 19.86
N SER C 10 7.29 -47.51 20.95
CA SER C 10 7.82 -47.01 22.24
C SER C 10 9.29 -47.43 22.36
N SER C 11 9.72 -48.40 21.55
CA SER C 11 11.13 -48.85 21.53
C SER C 11 11.40 -49.47 20.16
N LEU C 12 12.59 -49.24 19.62
CA LEU C 12 12.97 -49.82 18.31
C LEU C 12 14.29 -50.55 18.50
N SER C 13 14.29 -51.85 18.24
CA SER C 13 15.59 -52.55 18.26
C SER C 13 16.22 -52.27 16.89
N ALA C 14 17.43 -51.72 16.88
CA ALA C 14 18.01 -51.34 15.57
C ALA C 14 19.51 -51.58 15.51
N SER C 15 20.04 -51.83 14.31
CA SER C 15 21.47 -52.14 14.14
C SER C 15 22.17 -51.00 13.38
N VAL C 16 23.44 -50.71 13.70
CA VAL C 16 24.15 -49.62 13.06
C VAL C 16 24.12 -49.80 11.55
N GLY C 17 23.64 -48.77 10.85
CA GLY C 17 23.50 -48.81 9.41
C GLY C 17 22.08 -49.04 8.92
N ASP C 18 21.17 -49.43 9.80
CA ASP C 18 19.78 -49.64 9.42
C ASP C 18 19.06 -48.31 9.26
N ARG C 19 17.91 -48.36 8.59
CA ARG C 19 17.05 -47.20 8.39
C ARG C 19 15.83 -47.35 9.29
N VAL C 20 15.62 -46.37 10.15
CA VAL C 20 14.55 -46.43 11.15
C VAL C 20 13.56 -45.31 10.91
N THR C 21 12.30 -45.58 11.25
CA THR C 21 11.21 -44.63 11.06
C THR C 21 10.40 -44.54 12.35
N ILE C 22 10.21 -43.31 12.84
CA ILE C 22 9.41 -43.04 14.02
C ILE C 22 8.24 -42.18 13.60
N THR C 23 7.03 -42.64 13.88
CA THR C 23 5.82 -41.98 13.42
C THR C 23 5.07 -41.36 14.59
N CYS C 24 4.58 -40.13 14.37
CA CYS C 24 3.83 -39.38 15.38
C CYS C 24 2.51 -38.97 14.75
N ARG C 25 1.40 -39.32 15.41
CA ARG C 25 0.07 -39.07 14.88
C ARG C 25 -0.68 -38.12 15.80
N ALA C 26 -1.27 -37.09 15.20
CA ALA C 26 -2.06 -36.11 15.94
C ALA C 26 -3.51 -36.57 16.05
N SER C 27 -4.18 -36.08 17.09
CA SER C 27 -5.57 -36.45 17.36
C SER C 27 -6.57 -35.52 16.69
N GLN C 28 -6.12 -34.43 16.08
CA GLN C 28 -7.01 -33.47 15.45
C GLN C 28 -6.36 -33.01 14.14
N SER C 29 -6.89 -31.94 13.57
CA SER C 29 -6.30 -31.31 12.39
C SER C 29 -5.31 -30.25 12.88
N VAL C 30 -4.03 -30.47 12.58
CA VAL C 30 -2.96 -29.59 13.04
C VAL C 30 -2.15 -29.14 11.83
N SER C 31 -1.44 -28.04 11.99
CA SER C 31 -0.59 -27.50 10.95
C SER C 31 0.73 -28.27 10.94
N SER C 32 1.73 -27.74 10.23
CA SER C 32 3.03 -28.38 10.14
C SER C 32 3.95 -28.09 11.31
N ALA C 33 3.46 -27.42 12.35
CA ALA C 33 4.31 -27.06 13.49
C ALA C 33 4.60 -28.26 14.37
N VAL C 34 5.41 -29.19 13.87
CA VAL C 34 5.83 -30.37 14.62
C VAL C 34 7.34 -30.40 14.64
N ALA C 35 7.91 -30.56 15.84
CA ALA C 35 9.35 -30.59 16.03
C ALA C 35 9.76 -31.96 16.58
N TRP C 36 11.01 -32.33 16.31
CA TRP C 36 11.57 -33.60 16.77
C TRP C 36 12.80 -33.32 17.63
N TYR C 37 12.89 -33.99 18.76
CA TYR C 37 13.98 -33.80 19.70
C TYR C 37 14.69 -35.12 19.97
N GLN C 38 15.97 -35.04 20.26
CA GLN C 38 16.78 -36.19 20.65
C GLN C 38 17.33 -35.93 22.04
N GLN C 39 17.13 -36.88 22.96
CA GLN C 39 17.61 -36.77 24.32
C GLN C 39 18.36 -38.03 24.71
N LYS C 40 19.55 -37.85 25.22
CA LYS C 40 20.38 -38.90 25.80
C LYS C 40 20.28 -38.84 27.32
N PRO C 41 20.43 -39.98 28.00
CA PRO C 41 20.18 -40.01 29.45
C PRO C 41 21.07 -39.02 30.20
N GLY C 42 20.45 -38.31 31.14
CA GLY C 42 21.15 -37.32 31.93
C GLY C 42 21.47 -36.02 31.22
N LYS C 43 20.92 -35.81 30.03
CA LYS C 43 21.23 -34.63 29.22
C LYS C 43 19.93 -33.97 28.77
N ALA C 44 20.05 -32.69 28.40
CA ALA C 44 18.92 -31.93 27.92
C ALA C 44 18.56 -32.34 26.49
N PRO C 45 17.29 -32.19 26.10
CA PRO C 45 16.88 -32.53 24.74
C PRO C 45 17.55 -31.62 23.71
N LYS C 46 17.81 -32.18 22.53
CA LYS C 46 18.44 -31.48 21.43
C LYS C 46 17.49 -31.50 20.23
N LEU C 47 17.25 -30.33 19.66
CA LEU C 47 16.32 -30.21 18.54
C LEU C 47 16.98 -30.68 17.24
N LEU C 48 16.26 -31.52 16.49
CA LEU C 48 16.74 -32.06 15.24
C LEU C 48 15.97 -31.56 14.03
N ILE C 49 14.65 -31.72 14.03
CA ILE C 49 13.79 -31.31 12.93
C ILE C 49 12.73 -30.36 13.47
N TYR C 50 12.53 -29.24 12.79
CA TYR C 50 11.49 -28.29 13.14
C TYR C 50 10.62 -28.02 11.94
N SER C 51 9.35 -27.68 12.20
CA SER C 51 8.32 -27.49 11.18
C SER C 51 8.09 -28.74 10.36
N ALA C 52 8.44 -29.90 10.92
CA ALA C 52 8.15 -31.23 10.38
C ALA C 52 8.96 -31.57 9.14
N SER C 53 9.72 -30.62 8.61
CA SER C 53 10.57 -30.88 7.45
C SER C 53 11.95 -30.25 7.52
N SER C 54 12.15 -29.18 8.28
CA SER C 54 13.38 -28.42 8.22
C SER C 54 14.43 -29.01 9.16
N LEU C 55 15.65 -29.14 8.65
CA LEU C 55 16.77 -29.67 9.41
C LEU C 55 17.45 -28.54 10.16
N TYR C 56 17.61 -28.70 11.48
CA TYR C 56 18.26 -27.69 12.29
C TYR C 56 19.75 -27.64 11.96
N SER C 57 20.32 -26.45 12.05
CA SER C 57 21.72 -26.24 11.70
C SER C 57 22.62 -27.07 12.61
N GLY C 58 23.57 -27.79 12.01
CA GLY C 58 24.48 -28.65 12.72
C GLY C 58 24.05 -30.09 12.84
N VAL C 59 22.77 -30.37 12.62
CA VAL C 59 22.27 -31.74 12.70
C VAL C 59 22.68 -32.49 11.44
N PRO C 60 23.21 -33.72 11.56
CA PRO C 60 23.61 -34.46 10.35
C PRO C 60 22.44 -34.73 9.44
N SER C 61 22.72 -34.80 8.13
CA SER C 61 21.71 -34.99 7.11
C SER C 61 21.08 -36.38 7.14
N ARG C 62 21.50 -37.26 8.05
CA ARG C 62 20.84 -38.55 8.18
C ARG C 62 19.39 -38.39 8.61
N PHE C 63 19.13 -37.45 9.52
CA PHE C 63 17.79 -37.22 10.02
C PHE C 63 16.93 -36.49 8.98
N SER C 64 15.67 -36.89 8.88
CA SER C 64 14.76 -36.31 7.91
C SER C 64 13.35 -36.30 8.49
N GLY C 65 12.56 -35.32 8.06
CA GLY C 65 11.21 -35.16 8.53
C GLY C 65 10.22 -35.20 7.38
N SER C 66 9.02 -35.69 7.67
CA SER C 66 7.98 -35.80 6.65
C SER C 66 6.61 -35.68 7.32
N ARG C 67 5.61 -35.33 6.52
CA ARG C 67 4.24 -35.20 6.97
C ARG C 67 3.30 -35.88 5.99
N SER C 68 2.29 -36.56 6.53
CA SER C 68 1.24 -37.17 5.71
C SER C 68 -0.06 -37.07 6.50
N GLY C 69 -0.85 -36.04 6.23
CA GLY C 69 -2.08 -35.81 6.95
C GLY C 69 -1.85 -35.48 8.41
N THR C 70 -2.44 -36.28 9.31
CA THR C 70 -2.23 -36.11 10.74
C THR C 70 -1.06 -36.94 11.26
N ASP C 71 -0.33 -37.61 10.37
CA ASP C 71 0.78 -38.47 10.74
C ASP C 71 2.08 -37.79 10.35
N PHE C 72 2.99 -37.66 11.32
CA PHE C 72 4.30 -37.08 11.10
C PHE C 72 5.37 -38.14 11.30
N THR C 73 6.41 -38.08 10.47
CA THR C 73 7.41 -39.14 10.43
C THR C 73 8.81 -38.56 10.59
N LEU C 74 9.59 -39.16 11.48
CA LEU C 74 11.02 -38.91 11.59
C LEU C 74 11.77 -40.12 11.08
N THR C 75 12.73 -39.90 10.18
CA THR C 75 13.46 -40.98 9.54
C THR C 75 14.97 -40.75 9.67
N ILE C 76 15.69 -41.84 9.96
CA ILE C 76 17.15 -41.84 9.96
C ILE C 76 17.59 -42.80 8.86
N SER C 77 18.25 -42.26 7.83
CA SER C 77 18.60 -43.08 6.68
C SER C 77 19.64 -44.13 7.04
N SER C 78 20.72 -43.74 7.72
CA SER C 78 21.79 -44.65 8.10
C SER C 78 22.07 -44.46 9.58
N LEU C 79 21.62 -45.41 10.39
CA LEU C 79 21.81 -45.32 11.83
C LEU C 79 23.29 -45.41 12.18
N GLN C 80 23.69 -44.65 13.20
CA GLN C 80 25.08 -44.57 13.64
C GLN C 80 25.13 -44.78 15.14
N PRO C 81 26.30 -45.16 15.68
CA PRO C 81 26.37 -45.49 17.11
C PRO C 81 25.97 -44.35 18.04
N GLU C 82 26.09 -43.11 17.62
CA GLU C 82 25.73 -41.97 18.46
C GLU C 82 24.26 -41.61 18.37
N ASP C 83 23.46 -42.34 17.58
CA ASP C 83 22.06 -42.05 17.39
C ASP C 83 21.14 -42.87 18.30
N PHE C 84 21.70 -43.70 19.18
CA PHE C 84 20.89 -44.51 20.08
C PHE C 84 20.49 -43.65 21.28
N ALA C 85 19.25 -43.19 21.28
CA ALA C 85 18.73 -42.31 22.33
C ALA C 85 17.21 -42.36 22.29
N THR C 86 16.57 -41.46 23.01
CA THR C 86 15.13 -41.32 23.02
C THR C 86 14.73 -40.12 22.18
N TYR C 87 13.66 -40.27 21.40
CA TYR C 87 13.21 -39.23 20.49
C TYR C 87 11.76 -38.85 20.81
N TYR C 88 11.49 -37.55 20.78
CA TYR C 88 10.18 -37.02 21.11
C TYR C 88 9.67 -36.13 19.98
N CYS C 89 8.39 -36.25 19.67
CA CYS C 89 7.73 -35.32 18.77
C CYS C 89 6.98 -34.27 19.60
N GLN C 90 7.16 -33.01 19.24
CA GLN C 90 6.49 -31.89 19.91
C GLN C 90 5.65 -31.15 18.89
N GLN C 91 4.40 -30.84 19.26
CA GLN C 91 3.46 -30.17 18.38
C GLN C 91 3.16 -28.78 18.90
N GLY C 92 3.04 -27.82 17.99
CA GLY C 92 2.62 -26.48 18.38
C GLY C 92 3.64 -25.42 18.02
N SER C 93 3.17 -24.37 17.35
CA SER C 93 3.99 -23.20 17.07
C SER C 93 3.99 -22.22 18.24
N SER C 94 2.84 -22.06 18.88
CA SER C 94 2.71 -21.24 20.08
C SER C 94 2.07 -22.06 21.18
N SER C 95 2.09 -21.51 22.39
CA SER C 95 1.59 -22.24 23.55
C SER C 95 0.06 -22.40 23.46
N PRO C 96 -0.48 -23.50 24.01
CA PRO C 96 0.19 -24.60 24.72
C PRO C 96 0.92 -25.57 23.80
N LEU C 97 1.89 -26.30 24.34
CA LEU C 97 2.68 -27.26 23.60
C LEU C 97 2.41 -28.67 24.12
N THR C 98 2.59 -29.66 23.23
CA THR C 98 2.37 -31.06 23.58
C THR C 98 3.53 -31.90 23.07
N PHE C 99 4.07 -32.74 23.95
CA PHE C 99 5.14 -33.67 23.60
C PHE C 99 4.59 -35.06 23.40
N GLY C 100 5.30 -35.86 22.61
CA GLY C 100 4.95 -37.24 22.42
C GLY C 100 5.34 -38.11 23.59
N GLN C 101 4.91 -39.37 23.54
CA GLN C 101 5.24 -40.31 24.60
C GLN C 101 6.73 -40.61 24.63
N GLY C 102 7.36 -40.68 23.47
CA GLY C 102 8.79 -40.91 23.39
C GLY C 102 9.08 -42.30 22.84
N THR C 103 10.11 -42.39 22.00
CA THR C 103 10.56 -43.66 21.42
C THR C 103 12.03 -43.86 21.75
N LYS C 104 12.34 -44.98 22.40
CA LYS C 104 13.71 -45.33 22.73
C LYS C 104 14.26 -46.25 21.64
N VAL C 105 15.42 -45.91 21.11
CA VAL C 105 16.09 -46.70 20.07
C VAL C 105 17.27 -47.41 20.72
N GLU C 106 17.29 -48.74 20.63
CA GLU C 106 18.29 -49.57 21.26
C GLU C 106 19.06 -50.37 20.20
N ILE C 107 20.10 -51.05 20.66
CA ILE C 107 20.92 -51.88 19.78
C ILE C 107 20.26 -53.23 19.60
N LYS C 108 20.07 -53.63 18.35
CA LYS C 108 19.47 -54.93 18.03
C LYS C 108 20.40 -56.07 18.43
#